data_2HIT
#
_entry.id   2HIT
#
_cell.length_a   139.289
_cell.length_b   139.289
_cell.length_c   183.839
_cell.angle_alpha   90.00
_cell.angle_beta   90.00
_cell.angle_gamma   120.00
#
_symmetry.space_group_name_H-M   'P 31 2 1'
#
loop_
_entity.id
_entity.type
_entity.pdbx_description
1 polymer 'Reaction center protein L chain'
2 polymer 'Reaction center protein M chain'
3 polymer 'Reaction center protein H chain'
4 non-polymer 'BACTERIOCHLOROPHYLL A'
5 non-polymer 'BACTERIOPHEOPHYTIN A'
6 non-polymer UBIQUINONE-10
7 non-polymer GLYCEROL
8 non-polymer 'FE (III) ION'
9 non-polymer 'CHLORIDE ION'
10 non-polymer 'PHOSPHATE ION'
11 non-polymer CARDIOLIPIN
12 non-polymer '(1R)-2-{[(2-AMINOETHOXY)(HYDROXY)PHOSPHORYL]OXY}-1-[(PALMITOYLOXY)METHYL]ETHYL (9S,10S)-9,10-DIBROMOOCTADECANOATE'
13 non-polymer 'LAURYL DIMETHYLAMINE-N-OXIDE'
14 non-polymer 'POTASSIUM ION'
15 non-polymer '(1S)-2-{[(2-AMINOETHOXY)(HYDROXY)PHOSPHORYL]OXY}-1-[(PALMITOYLOXY)METHYL]ETHYL STEARATE'
16 water water
#
loop_
_entity_poly.entity_id
_entity_poly.type
_entity_poly.pdbx_seq_one_letter_code
_entity_poly.pdbx_strand_id
1 'polypeptide(L)'
;ALLSFERKYRVPGGTLVGGNLFDFWVGPFYVGFFGVATFFFAALGIILIAWSAVLQGTWNPQLISVYPPALEYGLGGAPL
AKGGLWQIITICATGAFVSWALREVEICRKLGIGYHIPFAFAFAILAYLTLVLFRPVMMGAWGYAFPYGIWTHLDWVSNT
GYTYGNFHYNPAHMIAISFFFTNALALALHGALVLSAANPEKGKEMRTPDHEDTFFRDLVGYSIGTLGIHRLGLLLSLSA
VFFSALCMIITGTIWFDQWVDWWQWWVKLPWWANIPGGING
;
L
2 'polypeptide(L)'
;AEYQNIFSQVQVRGPADLGMTEDVNLANRSGVGPFSTLLGWFGNAQLGPIYLGSLGVLSLFSGLMWFFTIGIWFWYQAGW
NPAVFLRDLFFFSLEPPAPEYGLSFAAPLKEGGLWLIASFFMFVAVWSWWGRTYLRAQALGMGKHTAWAFLSAIWLWMVL
GFIRPILMGSWSEAVPYGIFSHLDWTNNFSLVHGNLFYNPFHGLSIAFLYGSALLFAMHGATILAVSRFGGERELEQIAD
RGTAAERAALFWRWTMGFNATMEGIHRWAIWMAVLVTLTGGIGILLSGTVVDNWYVWGQNHGMAPLN
;
M
3 'polypeptide(L)'
;MVGVTAFGNFDLASLAIYSFWIFLAGLIYYLQTENMREGYPLENEDGTPAANQGPFPLPKPKTFILPHGRGTLTVPGPES
EDRPIALARTAVSEGFPHAPTGDPMKDGVGPASWVARRDLPELDGHGHNKIKPMKAAAGFHVSAGKNPIGLPVRGCDLEI
AGKVVDIWVDIPEQMARFLEVELKDGSTRLLPMQMVKVQSNRVHVNALSSDLFAGIPTIKSPTEVTLLEEDKICGYVAGG
LMYAAPKRKSVVAAMLAEYA
;
H
#
# COMPACT_ATOMS: atom_id res chain seq x y z
N ALA A 1 -6.68 23.39 16.54
CA ALA A 1 -5.52 24.08 15.95
C ALA A 1 -5.49 23.62 14.50
N LEU A 2 -4.69 24.30 13.69
CA LEU A 2 -4.68 24.05 12.29
C LEU A 2 -3.27 23.98 11.76
N LEU A 3 -3.07 23.05 10.82
CA LEU A 3 -1.88 23.05 10.03
C LEU A 3 -1.73 24.42 9.35
N SER A 4 -0.49 24.83 9.15
CA SER A 4 -0.25 26.12 8.52
C SER A 4 -1.06 26.35 7.22
N PHE A 5 -1.40 25.30 6.48
CA PHE A 5 -1.98 25.53 5.16
C PHE A 5 -3.48 25.19 5.13
N GLU A 6 -4.00 24.83 6.29
CA GLU A 6 -5.30 24.18 6.40
C GLU A 6 -6.57 25.08 6.24
N ARG A 7 -6.49 26.36 6.59
CA ARG A 7 -7.72 27.15 6.72
C ARG A 7 -8.44 27.23 5.41
N LYS A 8 -7.70 27.44 4.33
CA LYS A 8 -8.29 27.58 3.01
C LYS A 8 -9.23 26.41 2.61
N TYR A 9 -9.06 25.24 3.21
CA TYR A 9 -9.82 24.08 2.83
C TYR A 9 -11.04 23.88 3.71
N ARG A 10 -11.09 24.59 4.87
CA ARG A 10 -12.14 24.43 5.87
C ARG A 10 -13.37 25.25 5.53
N VAL A 11 -13.90 24.99 4.33
CA VAL A 11 -15.06 25.68 3.80
C VAL A 11 -16.24 24.85 4.16
N PRO A 12 -17.45 25.45 4.20
CA PRO A 12 -18.73 24.73 4.32
C PRO A 12 -19.00 23.85 3.10
N GLY A 13 -19.70 22.72 3.34
CA GLY A 13 -20.14 21.84 2.26
C GLY A 13 -19.53 20.45 2.21
N GLY A 14 -20.20 19.60 1.46
CA GLY A 14 -19.75 18.23 1.22
C GLY A 14 -20.54 17.21 2.01
N THR A 15 -21.28 17.63 3.02
CA THR A 15 -21.96 16.67 3.90
C THR A 15 -22.98 15.87 3.09
N LEU A 16 -23.24 14.63 3.47
CA LEU A 16 -24.29 13.82 2.81
C LEU A 16 -25.64 13.92 3.51
N VAL A 17 -25.63 14.19 4.82
CA VAL A 17 -26.83 14.31 5.60
C VAL A 17 -26.72 15.49 6.59
N GLY A 18 -27.79 16.26 6.70
CA GLY A 18 -27.95 17.18 7.80
C GLY A 18 -27.49 18.58 7.44
N GLY A 19 -27.27 18.83 6.16
CA GLY A 19 -26.80 20.11 5.74
C GLY A 19 -25.66 20.59 6.62
N ASN A 20 -25.80 21.81 7.15
CA ASN A 20 -24.76 22.46 7.93
C ASN A 20 -24.79 22.08 9.40
N LEU A 21 -25.81 21.31 9.78
CA LEU A 21 -26.06 21.00 11.18
C LEU A 21 -24.80 20.47 11.88
N PHE A 22 -24.05 19.59 11.20
CA PHE A 22 -22.87 18.99 11.81
C PHE A 22 -21.58 19.29 11.02
N ASP A 23 -21.64 20.28 10.15
CA ASP A 23 -20.49 20.66 9.34
C ASP A 23 -19.56 21.46 10.26
N PHE A 24 -18.71 20.75 10.98
CA PHE A 24 -17.72 21.40 11.81
C PHE A 24 -16.66 20.45 12.29
N TRP A 25 -15.62 20.99 12.93
CA TRP A 25 -14.54 20.18 13.49
C TRP A 25 -14.50 20.26 15.05
N VAL A 26 -14.01 19.19 15.70
CA VAL A 26 -13.43 19.23 17.07
C VAL A 26 -11.91 18.94 16.96
N GLY A 27 -11.08 19.98 17.15
CA GLY A 27 -9.66 19.83 17.01
C GLY A 27 -9.37 19.59 15.53
N PRO A 28 -8.57 18.55 15.24
CA PRO A 28 -8.26 18.20 13.89
C PRO A 28 -9.40 17.41 13.23
N PHE A 29 -10.26 16.82 14.04
CA PHE A 29 -11.23 15.87 13.53
C PHE A 29 -12.47 16.55 12.94
N TYR A 30 -12.76 16.18 11.70
CA TYR A 30 -14.02 16.53 11.10
C TYR A 30 -15.11 15.69 11.79
N VAL A 31 -16.26 16.31 12.06
CA VAL A 31 -17.33 15.60 12.74
C VAL A 31 -18.30 15.11 11.66
N GLY A 32 -19.24 15.96 11.25
CA GLY A 32 -20.33 15.53 10.38
C GLY A 32 -21.33 14.53 10.98
N PHE A 33 -22.35 14.18 10.20
CA PHE A 33 -23.41 13.29 10.67
C PHE A 33 -22.86 11.91 11.00
N PHE A 34 -22.01 11.40 10.14
CA PHE A 34 -21.30 10.14 10.37
C PHE A 34 -20.23 10.18 11.51
N GLY A 35 -19.58 11.32 11.77
CA GLY A 35 -18.89 11.51 13.01
C GLY A 35 -19.78 11.29 14.26
N VAL A 36 -20.97 11.90 14.25
CA VAL A 36 -21.96 11.65 15.31
C VAL A 36 -22.41 10.16 15.29
N ALA A 37 -22.69 9.60 14.11
CA ALA A 37 -23.13 8.23 14.01
C ALA A 37 -22.01 7.37 14.57
N THR A 38 -20.76 7.66 14.18
CA THR A 38 -19.64 6.83 14.59
C THR A 38 -19.50 6.88 16.10
N PHE A 39 -19.36 8.07 16.66
CA PHE A 39 -19.31 8.21 18.13
C PHE A 39 -20.43 7.40 18.81
N PHE A 40 -21.67 7.52 18.35
CA PHE A 40 -22.78 6.86 19.01
C PHE A 40 -22.59 5.34 19.00
N PHE A 41 -22.26 4.79 17.83
CA PHE A 41 -22.10 3.36 17.69
C PHE A 41 -20.90 2.89 18.49
N ALA A 42 -19.76 3.62 18.40
CA ALA A 42 -18.57 3.23 19.17
C ALA A 42 -18.89 3.22 20.64
N ALA A 43 -19.49 4.31 21.11
CA ALA A 43 -19.68 4.53 22.53
C ALA A 43 -20.53 3.38 23.10
N LEU A 44 -21.64 3.12 22.42
CA LEU A 44 -22.55 2.06 22.84
C LEU A 44 -21.80 0.74 22.74
N GLY A 45 -21.22 0.47 21.58
CA GLY A 45 -20.29 -0.66 21.47
C GLY A 45 -19.36 -0.91 22.69
N ILE A 46 -18.66 0.14 23.13
CA ILE A 46 -17.70 0.03 24.21
C ILE A 46 -18.42 -0.21 25.58
N ILE A 47 -19.45 0.58 25.86
CA ILE A 47 -20.27 0.40 27.05
C ILE A 47 -20.75 -1.04 27.15
N LEU A 48 -21.19 -1.63 26.06
CA LEU A 48 -21.67 -3.00 26.14
C LEU A 48 -20.51 -3.94 26.46
N ILE A 49 -19.39 -3.79 25.74
CA ILE A 49 -18.18 -4.54 26.07
C ILE A 49 -17.83 -4.31 27.55
N ALA A 50 -17.68 -3.04 27.96
CA ALA A 50 -17.42 -2.70 29.37
C ALA A 50 -18.38 -3.39 30.35
N TRP A 51 -19.63 -3.53 29.93
CA TRP A 51 -20.62 -4.26 30.72
C TRP A 51 -20.29 -5.73 30.61
N SER A 52 -20.26 -6.26 29.40
CA SER A 52 -19.93 -7.68 29.19
C SER A 52 -18.75 -8.17 30.07
N ALA A 53 -17.77 -7.29 30.31
CA ALA A 53 -16.68 -7.57 31.21
C ALA A 53 -17.26 -7.91 32.57
N VAL A 54 -17.93 -6.94 33.19
CA VAL A 54 -18.69 -7.14 34.45
C VAL A 54 -19.28 -8.57 34.62
N LEU A 55 -19.98 -9.05 33.60
CA LEU A 55 -20.72 -10.34 33.61
C LEU A 55 -19.82 -11.57 33.46
N GLN A 56 -18.68 -11.37 32.80
CA GLN A 56 -17.61 -12.36 32.78
C GLN A 56 -16.90 -12.35 34.15
N GLY A 57 -16.85 -11.14 34.76
CA GLY A 57 -16.20 -10.86 36.05
C GLY A 57 -14.76 -10.43 35.98
N THR A 58 -14.36 -9.84 34.87
CA THR A 58 -12.97 -9.47 34.66
C THR A 58 -12.92 -8.00 34.19
N TRP A 59 -11.78 -7.35 34.35
CA TRP A 59 -11.50 -6.09 33.64
C TRP A 59 -10.22 -6.12 32.82
N ASN A 60 -9.44 -7.20 32.94
CA ASN A 60 -8.15 -7.24 32.26
C ASN A 60 -8.36 -7.25 30.75
N PRO A 61 -7.69 -6.36 30.07
CA PRO A 61 -7.90 -6.29 28.63
C PRO A 61 -7.40 -7.55 27.88
N GLN A 62 -6.45 -8.26 28.48
CA GLN A 62 -6.00 -9.57 27.96
C GLN A 62 -6.88 -10.75 28.40
N LEU A 63 -7.87 -10.48 29.26
CA LEU A 63 -8.88 -11.46 29.64
C LEU A 63 -10.25 -11.16 29.04
N ILE A 64 -10.68 -9.91 29.02
CA ILE A 64 -12.04 -9.59 28.59
C ILE A 64 -12.37 -10.26 27.26
N SER A 65 -13.50 -10.94 27.18
CA SER A 65 -13.86 -11.61 25.95
C SER A 65 -15.39 -11.71 25.75
N VAL A 66 -15.91 -11.23 24.63
CA VAL A 66 -17.35 -11.27 24.42
C VAL A 66 -17.61 -12.34 23.38
N TYR A 67 -18.28 -13.39 23.83
N TYR A 67 -18.16 -13.46 23.83
CA TYR A 67 -18.45 -14.59 23.09
CA TYR A 67 -18.41 -14.59 22.95
C TYR A 67 -19.83 -14.58 22.34
C TYR A 67 -19.78 -14.55 22.30
N PRO A 68 -19.85 -15.04 21.07
CA PRO A 68 -21.12 -15.18 20.39
C PRO A 68 -22.05 -16.20 20.96
N PRO A 69 -23.32 -16.08 20.60
CA PRO A 69 -24.33 -17.10 20.83
C PRO A 69 -23.87 -18.54 20.54
N ALA A 70 -23.96 -19.39 21.56
CA ALA A 70 -23.68 -20.80 21.46
C ALA A 70 -24.36 -21.41 20.24
N LEU A 71 -23.65 -22.32 19.59
CA LEU A 71 -24.07 -22.88 18.29
C LEU A 71 -25.56 -23.37 18.24
N GLU A 72 -26.14 -23.67 19.40
CA GLU A 72 -27.49 -24.23 19.42
C GLU A 72 -28.56 -23.13 19.30
N TYR A 73 -28.17 -21.87 19.51
CA TYR A 73 -29.09 -20.74 19.23
C TYR A 73 -29.37 -20.49 17.74
N GLY A 74 -28.67 -21.19 16.86
CA GLY A 74 -28.86 -20.98 15.42
C GLY A 74 -28.65 -19.52 15.07
N LEU A 75 -29.48 -19.01 14.16
CA LEU A 75 -29.41 -17.60 13.71
C LEU A 75 -30.43 -16.75 14.49
N GLY A 76 -30.91 -17.22 15.65
CA GLY A 76 -31.72 -16.40 16.54
C GLY A 76 -30.93 -15.51 17.51
N GLY A 77 -31.63 -14.98 18.50
CA GLY A 77 -31.05 -14.12 19.52
C GLY A 77 -30.76 -14.88 20.82
N ALA A 78 -29.83 -14.37 21.62
CA ALA A 78 -29.50 -14.98 22.91
C ALA A 78 -29.59 -13.93 24.01
N PRO A 79 -29.73 -14.35 25.29
CA PRO A 79 -29.63 -13.35 26.37
C PRO A 79 -28.27 -12.62 26.40
N LEU A 80 -28.31 -11.36 26.79
CA LEU A 80 -27.15 -10.55 27.01
C LEU A 80 -25.92 -11.31 27.57
N ALA A 81 -26.06 -12.09 28.62
CA ALA A 81 -24.91 -12.80 29.20
C ALA A 81 -24.42 -13.97 28.35
N LYS A 82 -25.30 -14.52 27.53
CA LYS A 82 -25.07 -15.79 26.87
C LYS A 82 -24.95 -15.69 25.38
N GLY A 83 -24.75 -14.49 24.86
CA GLY A 83 -24.64 -14.30 23.39
C GLY A 83 -25.20 -12.99 22.87
N GLY A 84 -26.27 -12.52 23.52
CA GLY A 84 -26.99 -11.32 23.09
C GLY A 84 -26.11 -10.11 22.90
N LEU A 85 -25.16 -9.92 23.84
CA LEU A 85 -24.28 -8.78 23.80
C LEU A 85 -23.45 -8.85 22.55
N TRP A 86 -22.95 -10.02 22.24
CA TRP A 86 -22.10 -10.09 21.06
C TRP A 86 -22.87 -9.65 19.85
N GLN A 87 -24.12 -10.11 19.75
CA GLN A 87 -25.00 -9.81 18.60
C GLN A 87 -25.20 -8.31 18.48
N ILE A 88 -25.49 -7.65 19.60
CA ILE A 88 -25.66 -6.18 19.62
C ILE A 88 -24.35 -5.41 19.34
N ILE A 89 -23.24 -5.91 19.90
CA ILE A 89 -21.92 -5.30 19.65
C ILE A 89 -21.49 -5.46 18.16
N THR A 90 -21.81 -6.58 17.54
CA THR A 90 -21.55 -6.72 16.10
C THR A 90 -22.39 -5.67 15.30
N ILE A 91 -23.63 -5.41 15.75
CA ILE A 91 -24.45 -4.43 15.07
C ILE A 91 -23.80 -3.05 15.26
N CYS A 92 -23.40 -2.75 16.50
CA CYS A 92 -22.68 -1.52 16.75
C CYS A 92 -21.38 -1.46 15.98
N ALA A 93 -20.65 -2.58 15.87
CA ALA A 93 -19.37 -2.57 15.14
C ALA A 93 -19.51 -2.17 13.65
N THR A 94 -20.36 -2.90 12.97
CA THR A 94 -20.75 -2.66 11.57
C THR A 94 -21.25 -1.23 11.37
N GLY A 95 -22.14 -0.80 12.27
CA GLY A 95 -22.62 0.60 12.30
C GLY A 95 -21.49 1.61 12.41
N ALA A 96 -20.53 1.37 13.30
CA ALA A 96 -19.39 2.27 13.47
C ALA A 96 -18.45 2.22 12.28
N PHE A 97 -18.27 1.04 11.69
CA PHE A 97 -17.30 0.94 10.59
C PHE A 97 -17.85 1.61 9.37
N VAL A 98 -19.09 1.26 9.02
CA VAL A 98 -19.79 1.79 7.85
C VAL A 98 -19.99 3.27 8.02
N SER A 99 -20.39 3.71 9.20
CA SER A 99 -20.41 5.16 9.49
C SER A 99 -19.05 5.81 9.28
N TRP A 100 -17.95 5.15 9.60
CA TRP A 100 -16.62 5.78 9.39
C TRP A 100 -16.26 5.86 7.90
N ALA A 101 -16.70 4.88 7.11
CA ALA A 101 -16.46 4.96 5.65
C ALA A 101 -17.25 6.18 5.10
N LEU A 102 -18.48 6.41 5.58
CA LEU A 102 -19.33 7.44 5.04
C LEU A 102 -18.84 8.83 5.51
N ARG A 103 -18.26 8.91 6.71
CA ARG A 103 -17.55 10.14 7.13
C ARG A 103 -16.40 10.40 6.18
N GLU A 104 -15.66 9.37 5.85
CA GLU A 104 -14.55 9.53 4.94
C GLU A 104 -14.98 10.10 3.57
N VAL A 105 -16.09 9.60 3.04
CA VAL A 105 -16.70 10.07 1.80
C VAL A 105 -17.02 11.55 1.95
N GLU A 106 -17.59 11.92 3.11
CA GLU A 106 -17.85 13.35 3.38
C GLU A 106 -16.59 14.25 3.32
N ILE A 107 -15.49 13.81 3.93
CA ILE A 107 -14.19 14.56 3.89
C ILE A 107 -13.68 14.71 2.45
N CYS A 108 -13.75 13.61 1.70
CA CYS A 108 -13.46 13.62 0.29
C CYS A 108 -14.25 14.68 -0.43
N ARG A 109 -15.55 14.74 -0.13
CA ARG A 109 -16.43 15.70 -0.83
C ARG A 109 -16.00 17.12 -0.54
N LYS A 110 -15.71 17.38 0.73
CA LYS A 110 -15.27 18.71 1.13
C LYS A 110 -13.89 19.04 0.54
N LEU A 111 -13.02 18.04 0.40
CA LEU A 111 -11.65 18.29 -0.06
C LEU A 111 -11.48 18.17 -1.58
N GLY A 112 -12.55 17.89 -2.30
CA GLY A 112 -12.45 17.70 -3.74
C GLY A 112 -11.58 16.55 -4.27
N ILE A 113 -11.43 15.48 -3.48
CA ILE A 113 -10.53 14.38 -3.92
C ILE A 113 -11.39 13.20 -4.37
N GLY A 114 -10.73 12.13 -4.86
CA GLY A 114 -11.40 10.91 -5.31
C GLY A 114 -11.84 10.12 -4.09
N TYR A 115 -12.75 9.18 -4.31
CA TYR A 115 -13.24 8.35 -3.19
C TYR A 115 -12.48 7.05 -2.92
N HIS A 116 -11.20 6.98 -3.27
CA HIS A 116 -10.46 5.71 -3.27
C HIS A 116 -10.28 5.16 -1.85
N ILE A 117 -10.06 6.04 -0.88
CA ILE A 117 -9.79 5.57 0.49
C ILE A 117 -10.98 4.78 1.12
N PRO A 118 -12.18 5.39 1.23
CA PRO A 118 -13.35 4.71 1.75
C PRO A 118 -13.76 3.50 0.94
N PHE A 119 -13.54 3.54 -0.34
CA PHE A 119 -13.65 2.34 -1.14
C PHE A 119 -12.69 1.24 -0.63
N ALA A 120 -11.41 1.58 -0.49
CA ALA A 120 -10.41 0.67 0.04
C ALA A 120 -10.89 0.17 1.38
N PHE A 121 -11.27 1.08 2.27
CA PHE A 121 -11.71 0.63 3.58
C PHE A 121 -12.83 -0.40 3.43
N ALA A 122 -13.76 -0.20 2.49
CA ALA A 122 -14.93 -1.07 2.35
C ALA A 122 -14.51 -2.54 2.23
N PHE A 123 -13.32 -2.80 1.69
CA PHE A 123 -12.81 -4.17 1.63
C PHE A 123 -12.52 -4.68 3.04
N ALA A 124 -11.93 -3.87 3.91
CA ALA A 124 -11.76 -4.35 5.30
C ALA A 124 -13.13 -4.70 5.98
N ILE A 125 -14.09 -3.79 5.85
CA ILE A 125 -15.41 -3.99 6.39
C ILE A 125 -15.99 -5.29 5.83
N LEU A 126 -15.82 -5.56 4.53
CA LEU A 126 -16.39 -6.77 3.99
C LEU A 126 -15.71 -8.07 4.59
N ALA A 127 -14.38 -8.03 4.82
CA ALA A 127 -13.68 -9.14 5.46
C ALA A 127 -14.33 -9.42 6.82
N TYR A 128 -14.36 -8.38 7.64
CA TYR A 128 -15.07 -8.43 8.90
C TYR A 128 -16.47 -9.02 8.71
N LEU A 129 -17.27 -8.42 7.83
CA LEU A 129 -18.66 -8.91 7.69
C LEU A 129 -18.76 -10.40 7.20
N THR A 130 -17.80 -10.87 6.41
CA THR A 130 -17.66 -12.31 6.14
C THR A 130 -17.52 -13.09 7.48
N LEU A 131 -16.52 -12.73 8.27
CA LEU A 131 -16.29 -13.48 9.47
C LEU A 131 -17.45 -13.41 10.44
N VAL A 132 -17.96 -12.24 10.75
CA VAL A 132 -19.05 -12.18 11.73
C VAL A 132 -20.45 -12.31 11.16
N LEU A 133 -20.65 -12.15 9.85
CA LEU A 133 -22.04 -12.08 9.33
C LEU A 133 -22.33 -12.99 8.14
N PHE A 134 -21.62 -12.89 7.02
CA PHE A 134 -21.95 -13.75 5.86
C PHE A 134 -21.67 -15.25 6.10
N ARG A 135 -20.52 -15.56 6.71
N ARG A 135 -20.53 -15.54 6.68
CA ARG A 135 -20.14 -16.97 6.96
CA ARG A 135 -20.13 -16.90 7.05
C ARG A 135 -21.08 -17.61 7.99
C ARG A 135 -21.20 -17.46 7.96
N PRO A 136 -21.20 -17.02 9.19
CA PRO A 136 -22.21 -17.52 10.11
C PRO A 136 -23.60 -17.67 9.47
N VAL A 137 -24.10 -16.69 8.71
CA VAL A 137 -25.46 -16.85 8.16
C VAL A 137 -25.51 -18.03 7.20
N MET A 138 -24.53 -18.16 6.31
CA MET A 138 -24.54 -19.30 5.39
C MET A 138 -24.40 -20.64 6.10
N MET A 139 -23.72 -20.66 7.24
CA MET A 139 -23.57 -21.89 8.03
C MET A 139 -24.73 -22.19 9.00
N GLY A 140 -25.53 -21.17 9.30
CA GLY A 140 -26.70 -21.31 10.19
C GLY A 140 -26.57 -20.92 11.67
N ALA A 141 -25.44 -20.34 12.11
CA ALA A 141 -25.35 -19.88 13.49
C ALA A 141 -24.28 -18.85 13.79
N TRP A 142 -24.62 -17.91 14.68
CA TRP A 142 -23.71 -16.88 15.18
C TRP A 142 -22.54 -17.43 15.95
N GLY A 143 -22.68 -18.64 16.47
CA GLY A 143 -21.60 -19.35 17.13
C GLY A 143 -20.36 -19.56 16.27
N TYR A 144 -20.54 -19.68 14.96
CA TYR A 144 -19.39 -19.81 14.07
C TYR A 144 -18.56 -18.53 13.91
N ALA A 145 -19.09 -17.37 14.32
CA ALA A 145 -18.29 -16.13 14.22
C ALA A 145 -17.23 -16.15 15.30
N PHE A 146 -16.22 -15.30 15.14
CA PHE A 146 -15.16 -15.22 16.10
C PHE A 146 -15.60 -14.32 17.22
N PRO A 147 -15.03 -14.55 18.41
CA PRO A 147 -15.38 -13.84 19.61
C PRO A 147 -14.50 -12.65 19.71
N TYR A 148 -14.89 -11.68 20.53
CA TYR A 148 -14.08 -10.45 20.65
C TYR A 148 -13.20 -10.51 21.86
N GLY A 149 -12.00 -11.01 21.65
CA GLY A 149 -10.99 -10.96 22.69
C GLY A 149 -9.59 -11.07 22.13
N ILE A 150 -8.65 -10.39 22.78
CA ILE A 150 -7.30 -10.29 22.28
C ILE A 150 -6.76 -11.66 21.99
N TRP A 151 -6.88 -12.55 22.96
CA TRP A 151 -6.38 -13.92 22.76
C TRP A 151 -7.47 -14.86 22.29
N THR A 152 -8.66 -14.69 22.83
CA THR A 152 -9.70 -15.64 22.46
C THR A 152 -9.95 -15.65 20.93
N HIS A 153 -9.73 -14.53 20.26
CA HIS A 153 -9.93 -14.54 18.81
C HIS A 153 -8.88 -15.34 18.13
N LEU A 154 -7.66 -15.36 18.68
CA LEU A 154 -6.55 -16.21 18.18
C LEU A 154 -6.84 -17.71 18.46
N ASP A 155 -7.32 -18.02 19.68
CA ASP A 155 -7.86 -19.32 19.95
C ASP A 155 -8.78 -19.68 18.76
N TRP A 156 -9.69 -18.77 18.37
CA TRP A 156 -10.69 -19.08 17.32
C TRP A 156 -10.08 -19.32 15.96
N VAL A 157 -9.05 -18.56 15.67
CA VAL A 157 -8.39 -18.69 14.40
C VAL A 157 -7.81 -20.10 14.32
N SER A 158 -7.18 -20.54 15.38
CA SER A 158 -6.49 -21.80 15.32
C SER A 158 -7.48 -22.98 15.28
N ASN A 159 -8.45 -23.02 16.18
CA ASN A 159 -9.49 -24.03 16.15
C ASN A 159 -10.18 -24.12 14.80
N THR A 160 -10.41 -22.95 14.17
CA THR A 160 -11.19 -22.89 12.96
C THR A 160 -10.36 -23.53 11.88
N GLY A 161 -9.10 -23.14 11.81
CA GLY A 161 -8.20 -23.66 10.81
C GLY A 161 -8.03 -25.15 10.97
N TYR A 162 -7.83 -25.61 12.19
CA TYR A 162 -7.48 -27.03 12.38
C TYR A 162 -8.64 -27.98 12.21
N THR A 163 -9.85 -27.44 12.22
CA THR A 163 -11.03 -28.18 11.76
C THR A 163 -10.84 -28.67 10.33
N TYR A 164 -10.11 -27.93 9.52
CA TYR A 164 -9.93 -28.34 8.16
C TYR A 164 -8.55 -28.88 7.90
N GLY A 165 -7.91 -29.37 8.94
CA GLY A 165 -6.55 -29.88 8.83
C GLY A 165 -5.53 -28.76 8.88
N ASN A 166 -4.40 -28.95 8.19
CA ASN A 166 -3.49 -27.81 7.98
C ASN A 166 -4.13 -26.78 7.04
N PHE A 167 -4.41 -25.57 7.53
CA PHE A 167 -5.27 -24.65 6.78
C PHE A 167 -4.56 -24.11 5.57
N HIS A 168 -3.25 -24.34 5.54
CA HIS A 168 -2.38 -23.91 4.45
C HIS A 168 -2.88 -24.40 3.13
N TYR A 169 -3.56 -25.53 3.15
CA TYR A 169 -3.93 -26.16 1.90
C TYR A 169 -5.20 -25.57 1.28
N ASN A 170 -5.81 -24.61 1.95
CA ASN A 170 -6.91 -23.92 1.35
C ASN A 170 -6.34 -23.11 0.21
N PRO A 171 -6.75 -23.37 -1.04
CA PRO A 171 -6.08 -22.72 -2.17
C PRO A 171 -6.35 -21.21 -2.28
N ALA A 172 -7.53 -20.75 -1.87
CA ALA A 172 -7.78 -19.31 -1.85
C ALA A 172 -6.91 -18.67 -0.81
N HIS A 173 -6.56 -19.40 0.25
CA HIS A 173 -5.76 -18.86 1.35
C HIS A 173 -4.32 -18.82 0.86
N MET A 174 -3.92 -19.76 0.02
CA MET A 174 -2.58 -19.61 -0.60
C MET A 174 -2.48 -18.33 -1.42
N ILE A 175 -3.53 -17.99 -2.16
CA ILE A 175 -3.44 -16.83 -3.03
C ILE A 175 -3.41 -15.58 -2.17
N ALA A 176 -4.36 -15.50 -1.24
CA ALA A 176 -4.38 -14.46 -0.20
C ALA A 176 -2.97 -14.22 0.42
N ILE A 177 -2.32 -15.25 0.96
CA ILE A 177 -0.96 -15.11 1.53
C ILE A 177 0.02 -14.51 0.54
N SER A 178 0.03 -15.02 -0.66
CA SER A 178 0.90 -14.46 -1.70
C SER A 178 0.73 -12.97 -1.90
N PHE A 179 -0.51 -12.49 -1.90
CA PHE A 179 -0.77 -11.06 -2.01
C PHE A 179 -0.25 -10.34 -0.77
N PHE A 180 -0.58 -10.78 0.43
CA PHE A 180 0.06 -10.17 1.62
C PHE A 180 1.59 -10.07 1.55
N PHE A 181 2.30 -11.10 1.11
CA PHE A 181 3.75 -11.03 1.16
C PHE A 181 4.27 -10.15 0.02
N THR A 182 3.60 -10.24 -1.12
CA THR A 182 4.00 -9.43 -2.23
C THR A 182 3.71 -7.94 -1.92
N ASN A 183 2.63 -7.66 -1.19
CA ASN A 183 2.30 -6.30 -0.85
C ASN A 183 3.40 -5.76 0.00
N ALA A 184 3.80 -6.51 1.01
CA ALA A 184 4.89 -6.12 1.90
C ALA A 184 6.19 -5.95 1.14
N LEU A 185 6.45 -6.81 0.17
CA LEU A 185 7.64 -6.61 -0.73
C LEU A 185 7.55 -5.23 -1.42
N ALA A 186 6.41 -4.99 -2.07
CA ALA A 186 6.11 -3.76 -2.78
C ALA A 186 6.23 -2.52 -1.86
N LEU A 187 5.69 -2.58 -0.65
CA LEU A 187 5.79 -1.47 0.27
C LEU A 187 7.21 -1.17 0.68
N ALA A 188 8.00 -2.21 1.00
CA ALA A 188 9.44 -2.04 1.33
C ALA A 188 10.08 -1.33 0.20
N LEU A 189 9.87 -1.85 -1.00
CA LEU A 189 10.62 -1.35 -2.16
C LEU A 189 10.25 0.12 -2.43
N HIS A 190 8.95 0.40 -2.49
CA HIS A 190 8.43 1.75 -2.77
C HIS A 190 8.93 2.77 -1.73
N GLY A 191 8.73 2.44 -0.48
CA GLY A 191 9.31 3.26 0.55
C GLY A 191 10.77 3.49 0.28
N ALA A 192 11.50 2.40 0.03
CA ALA A 192 12.94 2.48 -0.08
C ALA A 192 13.29 3.30 -1.33
N LEU A 193 12.48 3.22 -2.40
CA LEU A 193 12.99 3.87 -3.63
C LEU A 193 12.86 5.39 -3.52
N VAL A 194 11.67 5.85 -3.13
CA VAL A 194 11.42 7.23 -2.99
C VAL A 194 12.44 7.86 -2.03
N LEU A 195 12.73 7.18 -0.92
CA LEU A 195 13.64 7.75 0.07
C LEU A 195 15.05 7.78 -0.47
N SER A 196 15.45 6.75 -1.21
CA SER A 196 16.78 6.72 -1.82
C SER A 196 16.99 7.84 -2.89
N ALA A 197 15.88 8.26 -3.52
CA ALA A 197 15.90 9.43 -4.45
C ALA A 197 15.87 10.75 -3.64
N ALA A 198 14.96 10.86 -2.67
CA ALA A 198 14.83 12.06 -1.83
C ALA A 198 16.05 12.35 -0.98
N ASN A 199 16.82 11.30 -0.68
CA ASN A 199 17.94 11.32 0.28
C ASN A 199 19.15 10.58 -0.32
N PRO A 200 19.74 11.16 -1.33
CA PRO A 200 20.80 10.55 -2.12
C PRO A 200 22.10 10.60 -1.36
N GLU A 201 23.21 10.17 -1.95
CA GLU A 201 24.46 10.10 -1.21
C GLU A 201 24.92 11.49 -0.74
N LYS A 202 25.73 11.52 0.32
CA LYS A 202 26.09 12.78 1.02
C LYS A 202 26.64 13.86 0.09
N GLY A 203 26.01 15.03 0.10
CA GLY A 203 26.51 16.17 -0.69
C GLY A 203 25.86 16.34 -2.06
N LYS A 204 25.12 15.33 -2.53
CA LYS A 204 24.53 15.32 -3.88
C LYS A 204 23.10 15.87 -3.95
N GLU A 205 22.68 16.16 -5.17
CA GLU A 205 21.37 16.66 -5.45
C GLU A 205 20.36 15.54 -5.33
N MET A 206 19.16 15.91 -4.90
CA MET A 206 18.04 14.97 -4.92
C MET A 206 18.03 14.31 -6.31
N ARG A 207 17.82 13.01 -6.37
CA ARG A 207 17.59 12.34 -7.66
C ARG A 207 16.17 12.59 -8.15
N THR A 208 15.84 11.97 -9.28
CA THR A 208 14.69 12.35 -10.09
C THR A 208 13.98 11.08 -10.37
N PRO A 209 12.70 11.19 -10.70
CA PRO A 209 12.00 9.94 -10.98
C PRO A 209 12.70 9.15 -12.07
N ASP A 210 13.35 9.79 -12.99
CA ASP A 210 14.17 9.04 -13.95
C ASP A 210 15.23 8.19 -13.27
N HIS A 211 15.79 8.64 -12.16
CA HIS A 211 16.70 7.79 -11.37
C HIS A 211 15.99 6.56 -10.79
N GLU A 212 14.74 6.74 -10.45
CA GLU A 212 13.98 5.69 -9.80
C GLU A 212 13.71 4.60 -10.85
N ASP A 213 13.26 5.00 -12.05
CA ASP A 213 13.08 4.04 -13.18
C ASP A 213 14.41 3.42 -13.49
N THR A 214 15.45 4.21 -13.55
CA THR A 214 16.66 3.66 -14.03
C THR A 214 17.12 2.59 -13.06
N PHE A 215 16.98 2.88 -11.76
CA PHE A 215 17.42 1.97 -10.70
C PHE A 215 16.77 0.64 -10.84
N PHE A 216 15.45 0.65 -10.96
CA PHE A 216 14.74 -0.62 -11.14
C PHE A 216 14.98 -1.37 -12.47
N ARG A 217 15.21 -0.64 -13.56
CA ARG A 217 15.49 -1.28 -14.81
C ARG A 217 16.85 -1.94 -14.78
N ASP A 218 17.84 -1.19 -14.31
CA ASP A 218 19.17 -1.74 -14.08
C ASP A 218 19.08 -3.04 -13.23
N LEU A 219 18.27 -3.00 -12.16
CA LEU A 219 18.17 -4.13 -11.26
C LEU A 219 17.35 -5.32 -11.78
N VAL A 220 16.13 -5.09 -12.26
CA VAL A 220 15.27 -6.22 -12.60
C VAL A 220 14.79 -6.19 -14.03
N GLY A 221 15.16 -5.16 -14.77
CA GLY A 221 14.72 -5.06 -16.15
C GLY A 221 13.32 -4.44 -16.30
N TYR A 222 12.76 -3.84 -15.28
CA TYR A 222 11.44 -3.27 -15.52
C TYR A 222 11.16 -2.18 -14.53
N SER A 223 10.41 -1.16 -14.92
CA SER A 223 9.93 -0.22 -13.91
C SER A 223 8.47 0.04 -14.12
N ILE A 224 7.69 -0.04 -13.07
CA ILE A 224 6.24 0.11 -13.23
C ILE A 224 5.87 1.58 -13.29
N GLY A 225 6.78 2.45 -12.81
CA GLY A 225 6.48 3.87 -12.74
C GLY A 225 5.65 4.24 -11.52
N THR A 226 5.57 5.53 -11.25
CA THR A 226 5.10 6.04 -9.98
C THR A 226 3.62 6.06 -9.95
N LEU A 227 2.94 6.11 -11.10
CA LEU A 227 1.50 5.95 -11.03
C LEU A 227 1.28 4.47 -10.78
N GLY A 228 2.12 3.67 -11.44
CA GLY A 228 2.00 2.25 -11.42
C GLY A 228 2.09 1.70 -10.02
N ILE A 229 3.09 2.17 -9.29
CA ILE A 229 3.36 1.53 -8.01
C ILE A 229 2.24 1.79 -6.99
N HIS A 230 1.55 2.91 -7.14
CA HIS A 230 0.47 3.23 -6.23
C HIS A 230 -0.77 2.46 -6.65
N ARG A 231 -1.00 2.35 -7.94
CA ARG A 231 -2.02 1.41 -8.39
C ARG A 231 -1.72 -0.02 -7.85
N LEU A 232 -0.44 -0.42 -7.87
CA LEU A 232 -0.01 -1.73 -7.50
C LEU A 232 -0.26 -1.99 -6.04
N GLY A 233 0.22 -1.14 -5.16
CA GLY A 233 0.04 -1.38 -3.74
C GLY A 233 -1.44 -1.48 -3.42
N LEU A 234 -2.25 -0.60 -3.97
CA LEU A 234 -3.67 -0.64 -3.73
C LEU A 234 -4.19 -1.99 -4.19
N LEU A 235 -3.79 -2.43 -5.37
CA LEU A 235 -4.29 -3.70 -5.94
C LEU A 235 -3.82 -4.90 -5.10
N LEU A 236 -2.54 -4.88 -4.69
CA LEU A 236 -2.02 -6.01 -4.00
C LEU A 236 -2.79 -6.18 -2.70
N SER A 237 -3.00 -5.08 -2.01
CA SER A 237 -3.45 -5.15 -0.66
C SER A 237 -4.94 -5.40 -0.66
N LEU A 238 -5.69 -4.73 -1.52
CA LEU A 238 -7.08 -5.07 -1.67
C LEU A 238 -7.27 -6.55 -2.12
N SER A 239 -6.34 -7.05 -2.93
CA SER A 239 -6.49 -8.40 -3.42
C SER A 239 -6.24 -9.35 -2.27
N ALA A 240 -5.19 -9.10 -1.49
CA ALA A 240 -4.94 -9.88 -0.28
C ALA A 240 -6.23 -10.04 0.52
N VAL A 241 -6.94 -8.95 0.70
CA VAL A 241 -8.12 -9.04 1.54
C VAL A 241 -9.27 -9.70 0.80
N PHE A 242 -9.43 -9.46 -0.49
CA PHE A 242 -10.51 -10.11 -1.21
C PHE A 242 -10.35 -11.64 -1.15
N PHE A 243 -9.14 -12.13 -1.38
CA PHE A 243 -8.90 -13.56 -1.25
C PHE A 243 -9.04 -14.04 0.22
N SER A 244 -8.73 -13.19 1.17
CA SER A 244 -8.94 -13.61 2.53
C SER A 244 -10.44 -13.84 2.78
N ALA A 245 -11.28 -12.91 2.35
CA ALA A 245 -12.75 -13.09 2.45
C ALA A 245 -13.24 -14.37 1.74
N LEU A 246 -12.64 -14.66 0.58
CA LEU A 246 -13.07 -15.73 -0.28
C LEU A 246 -12.70 -17.05 0.39
N CYS A 247 -11.49 -17.10 0.94
CA CYS A 247 -10.99 -18.35 1.47
C CYS A 247 -11.80 -18.79 2.68
N MET A 248 -12.42 -17.84 3.36
CA MET A 248 -13.32 -18.20 4.46
C MET A 248 -14.78 -18.42 4.02
N ILE A 249 -15.21 -17.65 3.05
CA ILE A 249 -16.63 -17.70 2.68
C ILE A 249 -16.94 -19.11 2.15
N ILE A 250 -15.92 -19.74 1.56
CA ILE A 250 -16.00 -21.11 1.04
C ILE A 250 -15.76 -22.19 2.11
N THR A 251 -15.10 -21.83 3.21
CA THR A 251 -14.73 -22.85 4.17
C THR A 251 -15.87 -23.00 5.15
N GLY A 252 -16.43 -24.19 5.24
CA GLY A 252 -17.60 -24.43 6.06
C GLY A 252 -18.90 -24.46 5.27
N THR A 253 -18.81 -24.28 3.95
CA THR A 253 -19.97 -24.01 3.12
C THR A 253 -19.84 -24.78 1.84
N ILE A 254 -18.99 -24.41 0.89
CA ILE A 254 -18.86 -25.27 -0.31
C ILE A 254 -17.86 -26.39 0.00
N TRP A 255 -16.89 -26.08 0.86
CA TRP A 255 -15.89 -27.06 1.30
C TRP A 255 -15.80 -27.07 2.83
N PHE A 256 -15.82 -28.29 3.41
CA PHE A 256 -15.89 -28.48 4.87
C PHE A 256 -15.12 -29.73 5.37
N ASP A 257 -14.63 -30.54 4.45
CA ASP A 257 -13.70 -31.61 4.77
C ASP A 257 -12.26 -31.07 4.94
N GLN A 258 -11.28 -31.98 4.99
CA GLN A 258 -9.88 -31.57 5.15
C GLN A 258 -9.40 -30.90 3.90
N TRP A 259 -8.89 -29.69 4.01
CA TRP A 259 -8.35 -28.99 2.82
C TRP A 259 -7.21 -29.72 2.06
N VAL A 260 -6.40 -30.51 2.73
CA VAL A 260 -5.35 -31.17 2.00
C VAL A 260 -5.94 -32.04 0.91
N ASP A 261 -7.15 -32.54 1.15
CA ASP A 261 -7.71 -33.59 0.31
C ASP A 261 -8.30 -33.01 -0.96
N TRP A 262 -8.51 -31.71 -0.97
CA TRP A 262 -9.01 -31.01 -2.13
C TRP A 262 -8.09 -31.21 -3.33
N TRP A 263 -6.78 -31.25 -3.09
CA TRP A 263 -5.81 -31.32 -4.17
C TRP A 263 -5.85 -32.64 -4.86
N GLN A 264 -6.57 -33.61 -4.31
CA GLN A 264 -6.77 -34.88 -5.00
C GLN A 264 -7.47 -34.73 -6.38
N TRP A 265 -8.27 -33.70 -6.60
CA TRP A 265 -8.87 -33.53 -7.93
C TRP A 265 -7.80 -33.56 -9.05
N TRP A 266 -6.73 -32.82 -8.86
CA TRP A 266 -5.62 -32.74 -9.80
C TRP A 266 -4.89 -34.03 -9.92
N VAL A 267 -4.58 -34.65 -8.77
CA VAL A 267 -3.81 -35.88 -8.78
C VAL A 267 -4.56 -36.94 -9.57
N LYS A 268 -5.84 -37.11 -9.25
CA LYS A 268 -6.66 -38.15 -9.83
C LYS A 268 -7.17 -37.90 -11.26
N LEU A 269 -6.86 -36.75 -11.89
CA LEU A 269 -7.23 -36.54 -13.31
C LEU A 269 -6.79 -37.75 -14.15
N PRO A 270 -7.65 -38.13 -15.14
CA PRO A 270 -7.69 -39.48 -15.71
C PRO A 270 -6.47 -39.91 -16.54
N TRP A 271 -5.84 -38.96 -17.24
CA TRP A 271 -4.63 -39.28 -18.03
C TRP A 271 -3.47 -39.78 -17.18
N TRP A 272 -3.07 -39.01 -16.17
CA TRP A 272 -2.00 -39.44 -15.29
C TRP A 272 -2.43 -40.15 -13.99
N ALA A 273 -3.72 -40.11 -13.67
CA ALA A 273 -4.23 -40.84 -12.51
C ALA A 273 -3.46 -42.15 -12.21
N ASN A 274 -3.51 -43.12 -13.09
CA ASN A 274 -2.96 -44.45 -12.77
C ASN A 274 -1.55 -44.77 -13.30
N ILE A 275 -0.73 -43.75 -13.54
CA ILE A 275 0.66 -43.97 -13.96
C ILE A 275 1.45 -44.26 -12.69
N PRO A 276 2.21 -45.38 -12.64
CA PRO A 276 2.98 -45.63 -11.41
C PRO A 276 4.21 -44.72 -11.28
N GLY A 277 4.82 -44.70 -10.09
CA GLY A 277 5.97 -43.86 -9.78
C GLY A 277 5.49 -42.67 -8.99
N GLY A 278 6.37 -41.68 -8.81
CA GLY A 278 6.04 -40.43 -8.11
C GLY A 278 5.63 -40.61 -6.66
N ILE A 279 5.07 -39.58 -6.07
CA ILE A 279 4.66 -39.66 -4.68
C ILE A 279 3.30 -40.36 -4.57
N ASN A 280 2.51 -40.37 -5.65
CA ASN A 280 1.09 -40.72 -5.61
C ASN A 280 0.70 -41.91 -6.54
N GLY A 281 1.59 -42.89 -6.66
CA GLY A 281 1.28 -44.13 -7.41
C GLY A 281 2.36 -45.22 -7.34
N ALA B 1 -19.71 7.60 -15.58
CA ALA B 1 -19.11 7.64 -14.21
C ALA B 1 -17.83 8.54 -14.16
N GLU B 2 -17.47 8.95 -12.93
N GLU B 2 -17.46 9.02 -12.97
N GLU B 2 -17.47 8.92 -12.92
CA GLU B 2 -16.19 9.62 -12.65
CA GLU B 2 -16.17 9.73 -12.85
CA GLU B 2 -16.19 9.57 -12.61
C GLU B 2 -15.06 8.60 -12.84
C GLU B 2 -15.06 8.67 -12.82
C GLU B 2 -15.04 8.58 -12.83
N TYR B 3 -13.95 9.04 -13.46
CA TYR B 3 -12.86 8.15 -13.82
C TYR B 3 -11.86 7.88 -12.68
N GLN B 4 -11.72 6.60 -12.32
CA GLN B 4 -10.96 6.20 -11.12
C GLN B 4 -9.42 6.09 -11.20
N ASN B 5 -8.86 6.01 -12.40
CA ASN B 5 -7.40 6.00 -12.55
C ASN B 5 -6.73 4.74 -12.01
N ILE B 6 -7.42 3.59 -12.09
CA ILE B 6 -6.74 2.35 -11.80
C ILE B 6 -6.09 1.83 -13.08
N PHE B 7 -6.83 1.94 -14.18
CA PHE B 7 -6.20 1.84 -15.51
C PHE B 7 -6.27 3.16 -16.22
N SER B 8 -5.41 3.32 -17.21
CA SER B 8 -5.32 4.55 -17.99
C SER B 8 -6.36 4.58 -19.09
N GLN B 9 -6.87 5.75 -19.44
CA GLN B 9 -7.81 5.83 -20.61
C GLN B 9 -7.09 5.84 -21.98
N VAL B 10 -5.98 6.55 -22.08
CA VAL B 10 -5.16 6.61 -23.31
C VAL B 10 -3.71 6.26 -23.02
N GLN B 11 -3.12 5.36 -23.79
CA GLN B 11 -1.66 5.18 -23.71
C GLN B 11 -0.92 6.03 -24.73
N VAL B 12 0.17 6.68 -24.27
CA VAL B 12 1.10 7.31 -25.18
C VAL B 12 2.45 6.57 -25.17
N ARG B 13 3.12 6.52 -26.32
CA ARG B 13 4.49 6.04 -26.36
C ARG B 13 5.43 7.01 -27.10
N GLY B 14 6.70 7.01 -26.68
CA GLY B 14 7.76 7.81 -27.30
C GLY B 14 9.01 6.99 -27.40
N PRO B 15 10.14 7.58 -27.79
CA PRO B 15 11.39 6.81 -27.90
C PRO B 15 11.77 6.08 -26.60
N ALA B 16 12.36 4.89 -26.75
CA ALA B 16 12.69 4.07 -25.59
C ALA B 16 13.53 4.91 -24.65
N ASP B 17 13.21 4.81 -23.36
CA ASP B 17 13.98 5.50 -22.32
C ASP B 17 15.14 4.66 -21.86
N LEU B 18 16.33 5.15 -22.17
CA LEU B 18 17.54 4.38 -21.96
C LEU B 18 18.10 4.62 -20.57
N GLY B 19 17.58 5.62 -19.86
CA GLY B 19 17.89 5.79 -18.44
C GLY B 19 18.89 6.89 -18.13
N MET B 20 19.15 7.14 -16.85
CA MET B 20 20.16 8.10 -16.47
C MET B 20 21.46 7.33 -16.46
N THR B 21 22.55 8.03 -16.66
CA THR B 21 23.86 7.42 -16.78
C THR B 21 24.57 7.50 -15.44
N GLU B 22 24.70 8.72 -14.93
CA GLU B 22 25.55 8.97 -13.76
C GLU B 22 26.84 8.16 -13.93
N ASP B 23 27.18 7.33 -12.96
CA ASP B 23 28.40 6.56 -12.99
C ASP B 23 28.22 5.14 -13.48
N VAL B 24 27.16 4.85 -14.19
CA VAL B 24 26.88 3.43 -14.46
C VAL B 24 27.73 3.06 -15.62
N ASN B 25 28.38 1.91 -15.55
CA ASN B 25 29.13 1.44 -16.67
C ASN B 25 28.22 0.90 -17.78
N LEU B 26 27.95 1.75 -18.77
CA LEU B 26 26.97 1.48 -19.84
C LEU B 26 27.31 0.29 -20.72
N ALA B 27 28.56 -0.16 -20.73
CA ALA B 27 28.92 -1.38 -21.47
C ALA B 27 28.02 -2.54 -21.03
N ASN B 28 27.70 -2.59 -19.73
CA ASN B 28 26.89 -3.66 -19.16
C ASN B 28 25.33 -3.52 -19.21
N ARG B 29 24.74 -2.48 -19.81
CA ARG B 29 23.27 -2.45 -19.93
C ARG B 29 22.89 -3.05 -21.24
N SER B 30 21.90 -3.93 -21.24
CA SER B 30 21.26 -4.40 -22.47
C SER B 30 20.66 -3.22 -23.22
N GLY B 31 20.10 -3.52 -24.40
CA GLY B 31 19.18 -2.61 -25.07
C GLY B 31 17.77 -2.84 -24.55
N VAL B 32 16.89 -1.92 -24.86
CA VAL B 32 15.51 -2.06 -24.51
C VAL B 32 14.91 -3.31 -25.05
N GLY B 33 13.99 -3.88 -24.31
CA GLY B 33 13.22 -5.02 -24.75
C GLY B 33 11.97 -4.47 -25.39
N PRO B 34 10.98 -5.32 -25.61
CA PRO B 34 9.74 -4.95 -26.26
C PRO B 34 8.92 -4.00 -25.42
N PHE B 35 7.85 -3.50 -25.98
CA PHE B 35 6.91 -2.70 -25.22
C PHE B 35 5.68 -3.53 -25.15
N SER B 36 5.02 -3.53 -24.00
CA SER B 36 3.83 -4.30 -23.82
C SER B 36 2.66 -3.39 -23.58
N THR B 37 1.78 -3.32 -24.56
CA THR B 37 0.56 -2.59 -24.39
C THR B 37 -0.27 -3.03 -23.20
N LEU B 38 -0.25 -4.32 -22.89
CA LEU B 38 -1.00 -4.80 -21.75
C LEU B 38 -0.53 -4.18 -20.47
N LEU B 39 0.76 -4.34 -20.12
CA LEU B 39 1.30 -3.66 -18.91
C LEU B 39 0.92 -2.17 -18.95
N GLY B 40 1.06 -1.58 -20.13
CA GLY B 40 0.67 -0.19 -20.39
C GLY B 40 -0.64 0.35 -19.85
N TRP B 41 -1.69 -0.46 -19.70
CA TRP B 41 -2.92 0.06 -19.09
C TRP B 41 -2.75 0.29 -17.61
N PHE B 42 -1.75 -0.34 -17.04
CA PHE B 42 -1.63 -0.30 -15.60
C PHE B 42 -0.36 0.40 -15.12
N GLY B 43 0.78 0.00 -15.66
CA GLY B 43 2.05 0.68 -15.47
C GLY B 43 2.73 1.04 -16.81
N ASN B 44 4.06 1.09 -16.78
CA ASN B 44 4.86 1.34 -17.96
C ASN B 44 4.82 0.15 -18.89
N ALA B 45 4.72 0.45 -20.19
CA ALA B 45 4.75 -0.54 -21.29
C ALA B 45 6.17 -1.06 -21.56
N GLN B 46 7.17 -0.25 -21.28
CA GLN B 46 8.53 -0.57 -21.69
C GLN B 46 9.15 -1.62 -20.82
N LEU B 47 9.75 -2.61 -21.46
CA LEU B 47 10.51 -3.61 -20.77
C LEU B 47 11.96 -3.40 -21.13
N GLY B 48 12.86 -3.62 -20.17
CA GLY B 48 14.27 -3.35 -20.36
C GLY B 48 14.57 -1.86 -20.39
N PRO B 49 15.85 -1.49 -20.54
CA PRO B 49 17.00 -2.39 -20.55
C PRO B 49 17.34 -2.91 -19.14
N ILE B 50 18.18 -3.94 -19.08
CA ILE B 50 18.64 -4.46 -17.81
C ILE B 50 20.15 -4.35 -17.70
N TYR B 51 20.65 -4.19 -16.49
CA TYR B 51 22.08 -4.14 -16.22
C TYR B 51 22.57 -5.52 -15.84
N LEU B 52 23.50 -6.09 -16.58
CA LEU B 52 24.12 -7.31 -16.11
C LEU B 52 25.65 -7.22 -16.08
N GLY B 53 26.19 -6.76 -14.97
CA GLY B 53 27.61 -6.93 -14.70
C GLY B 53 27.96 -8.36 -14.32
N SER B 54 29.19 -8.55 -13.81
CA SER B 54 29.67 -9.86 -13.35
C SER B 54 28.92 -10.40 -12.12
N LEU B 55 28.54 -9.49 -11.23
CA LEU B 55 27.86 -9.86 -9.98
C LEU B 55 26.46 -10.38 -10.33
N GLY B 56 25.90 -9.80 -11.39
CA GLY B 56 24.57 -10.21 -11.83
C GLY B 56 24.66 -11.53 -12.54
N VAL B 57 25.73 -11.74 -13.30
CA VAL B 57 25.88 -13.00 -14.02
C VAL B 57 25.98 -14.10 -12.99
N LEU B 58 26.77 -13.85 -11.94
CA LEU B 58 26.97 -14.83 -10.88
C LEU B 58 25.64 -15.18 -10.26
N SER B 59 24.93 -14.14 -9.82
CA SER B 59 23.65 -14.31 -9.13
C SER B 59 22.70 -15.13 -9.95
N LEU B 60 22.49 -14.78 -11.22
CA LEU B 60 21.59 -15.56 -12.09
C LEU B 60 22.10 -16.97 -12.27
N PHE B 61 23.36 -17.13 -12.60
CA PHE B 61 23.87 -18.45 -12.80
C PHE B 61 23.61 -19.27 -11.56
N SER B 62 23.90 -18.69 -10.40
CA SER B 62 23.80 -19.43 -9.15
C SER B 62 22.34 -19.73 -8.88
N GLY B 63 21.50 -18.73 -9.07
CA GLY B 63 20.09 -18.88 -8.94
C GLY B 63 19.58 -20.02 -9.76
N LEU B 64 19.98 -20.05 -11.04
CA LEU B 64 19.56 -21.14 -11.96
C LEU B 64 20.04 -22.50 -11.49
N MET B 65 21.26 -22.55 -10.97
CA MET B 65 21.84 -23.82 -10.52
C MET B 65 21.07 -24.38 -9.32
N TRP B 66 20.49 -23.48 -8.56
CA TRP B 66 19.62 -23.85 -7.47
C TRP B 66 18.33 -24.49 -8.01
N PHE B 67 17.57 -23.74 -8.81
N PHE B 67 17.71 -23.80 -8.95
CA PHE B 67 16.30 -24.23 -9.38
CA PHE B 67 16.48 -24.28 -9.61
C PHE B 67 16.58 -25.61 -9.98
C PHE B 67 16.71 -25.55 -10.42
N PHE B 68 17.66 -25.67 -10.76
N PHE B 68 17.95 -25.83 -10.86
CA PHE B 68 18.07 -26.92 -11.42
CA PHE B 68 18.13 -27.06 -11.59
C PHE B 68 18.25 -28.05 -10.45
C PHE B 68 18.60 -28.18 -10.64
N THR B 69 19.08 -27.82 -9.44
CA THR B 69 19.43 -28.85 -8.45
C THR B 69 18.17 -29.51 -7.87
N ILE B 70 17.20 -28.67 -7.54
CA ILE B 70 15.88 -29.09 -7.08
C ILE B 70 15.18 -29.89 -8.19
N GLY B 71 15.05 -29.26 -9.36
CA GLY B 71 14.46 -29.91 -10.54
C GLY B 71 15.01 -31.30 -10.84
N ILE B 72 16.34 -31.43 -10.89
CA ILE B 72 16.92 -32.74 -11.05
C ILE B 72 16.33 -33.64 -9.99
N TRP B 73 16.35 -33.23 -8.72
CA TRP B 73 15.86 -34.12 -7.68
C TRP B 73 14.40 -34.53 -7.99
N PHE B 74 13.54 -33.54 -8.30
CA PHE B 74 12.12 -33.79 -8.61
C PHE B 74 11.87 -34.79 -9.76
N TRP B 75 12.40 -34.50 -10.96
CA TRP B 75 12.28 -35.41 -12.10
C TRP B 75 12.71 -36.83 -11.73
N TYR B 76 13.77 -36.93 -10.93
CA TYR B 76 14.19 -38.19 -10.37
C TYR B 76 13.12 -38.78 -9.44
N GLN B 77 12.61 -37.98 -8.50
CA GLN B 77 11.48 -38.43 -7.65
C GLN B 77 10.29 -38.92 -8.51
N ALA B 78 10.15 -38.34 -9.70
CA ALA B 78 9.07 -38.68 -10.62
C ALA B 78 9.42 -39.84 -11.57
N GLY B 79 10.46 -40.62 -11.28
CA GLY B 79 10.86 -41.72 -12.15
C GLY B 79 11.01 -41.34 -13.62
N TRP B 80 11.50 -40.13 -13.84
CA TRP B 80 11.72 -39.52 -15.18
C TRP B 80 10.51 -39.33 -16.12
N ASN B 81 9.32 -39.76 -15.69
CA ASN B 81 8.08 -39.61 -16.47
C ASN B 81 7.50 -38.19 -16.25
N PRO B 82 7.28 -37.42 -17.34
CA PRO B 82 6.74 -36.04 -17.25
C PRO B 82 5.30 -35.96 -16.78
N ALA B 83 4.53 -37.01 -17.02
CA ALA B 83 3.14 -37.08 -16.57
C ALA B 83 3.11 -37.06 -15.05
N VAL B 84 3.85 -38.00 -14.45
CA VAL B 84 4.04 -38.04 -13.01
C VAL B 84 4.66 -36.72 -12.50
N PHE B 85 5.63 -36.19 -13.24
CA PHE B 85 6.24 -34.93 -12.81
C PHE B 85 5.19 -33.84 -12.62
N LEU B 86 4.38 -33.60 -13.66
CA LEU B 86 3.33 -32.56 -13.63
C LEU B 86 2.25 -32.87 -12.56
N ARG B 87 1.94 -34.16 -12.43
CA ARG B 87 0.89 -34.60 -11.53
C ARG B 87 1.27 -34.36 -10.07
N ASP B 88 2.45 -34.84 -9.70
CA ASP B 88 2.96 -34.75 -8.34
C ASP B 88 3.80 -33.50 -8.03
N LEU B 89 3.87 -32.55 -8.96
CA LEU B 89 4.81 -31.44 -8.83
C LEU B 89 4.82 -30.73 -7.42
N PHE B 90 3.68 -30.68 -6.74
CA PHE B 90 3.60 -29.99 -5.43
C PHE B 90 3.91 -30.90 -4.25
N PHE B 91 4.11 -32.18 -4.54
CA PHE B 91 4.34 -33.18 -3.52
C PHE B 91 5.79 -33.57 -3.45
N PHE B 92 6.59 -33.19 -4.45
CA PHE B 92 7.97 -33.55 -4.46
C PHE B 92 8.66 -32.69 -3.44
N SER B 93 9.74 -33.21 -2.88
CA SER B 93 10.46 -32.44 -1.86
C SER B 93 11.94 -32.83 -1.86
N LEU B 94 12.81 -31.83 -1.88
CA LEU B 94 14.22 -32.03 -1.56
C LEU B 94 14.45 -31.70 -0.08
N GLU B 95 14.61 -32.74 0.74
CA GLU B 95 14.74 -32.66 2.21
C GLU B 95 16.20 -32.58 2.65
N PRO B 96 16.49 -31.91 3.78
CA PRO B 96 17.85 -31.79 4.30
C PRO B 96 18.34 -33.08 4.89
N PRO B 97 19.66 -33.16 5.21
CA PRO B 97 20.17 -34.40 5.82
C PRO B 97 19.58 -34.66 7.21
N ALA B 98 19.54 -35.96 7.57
CA ALA B 98 19.00 -36.39 8.86
C ALA B 98 19.68 -35.70 10.09
N PRO B 99 19.00 -35.71 11.25
CA PRO B 99 19.63 -35.24 12.51
C PRO B 99 21.01 -35.87 12.84
N GLU B 100 21.20 -37.09 12.37
CA GLU B 100 22.38 -37.92 12.62
C GLU B 100 23.66 -37.35 11.97
N TYR B 101 23.56 -36.50 10.94
CA TYR B 101 24.76 -35.91 10.27
C TYR B 101 25.08 -34.49 10.76
N GLY B 102 24.36 -34.07 11.78
CA GLY B 102 24.56 -32.76 12.39
C GLY B 102 24.76 -31.66 11.37
N LEU B 103 25.82 -30.87 11.58
CA LEU B 103 26.20 -29.80 10.70
C LEU B 103 27.22 -30.28 9.65
N SER B 104 27.48 -31.59 9.56
CA SER B 104 28.48 -32.08 8.59
C SER B 104 27.99 -32.08 7.12
N PHE B 105 28.93 -32.25 6.20
CA PHE B 105 28.65 -32.48 4.77
C PHE B 105 28.82 -33.97 4.40
N ALA B 106 28.78 -34.85 5.38
CA ALA B 106 29.09 -36.26 5.17
C ALA B 106 27.97 -37.06 4.47
N ALA B 107 26.76 -36.51 4.46
CA ALA B 107 25.54 -37.20 3.99
C ALA B 107 25.57 -37.52 2.49
N PRO B 108 25.01 -38.70 2.10
CA PRO B 108 24.80 -38.99 0.67
C PRO B 108 24.02 -37.90 -0.09
N LEU B 109 24.30 -37.83 -1.38
CA LEU B 109 23.64 -36.92 -2.28
C LEU B 109 22.13 -37.14 -2.23
N LYS B 110 21.68 -38.40 -2.35
CA LYS B 110 20.24 -38.71 -2.36
C LYS B 110 19.55 -38.51 -1.00
N GLU B 111 20.32 -38.29 0.07
CA GLU B 111 19.76 -38.24 1.41
C GLU B 111 20.36 -37.12 2.24
N GLY B 112 20.58 -35.97 1.59
CA GLY B 112 21.01 -34.75 2.28
C GLY B 112 21.91 -33.86 1.44
N GLY B 113 22.86 -34.51 0.75
CA GLY B 113 23.87 -33.83 -0.03
C GLY B 113 23.34 -32.83 -1.05
N LEU B 114 22.39 -33.26 -1.89
CA LEU B 114 21.73 -32.35 -2.85
C LEU B 114 21.08 -31.11 -2.19
N TRP B 115 20.52 -31.30 -1.00
CA TRP B 115 19.89 -30.20 -0.32
C TRP B 115 20.97 -29.16 -0.01
N LEU B 116 22.14 -29.64 0.42
CA LEU B 116 23.27 -28.76 0.76
C LEU B 116 23.74 -28.02 -0.46
N ILE B 117 23.91 -28.75 -1.55
CA ILE B 117 24.26 -28.15 -2.81
C ILE B 117 23.25 -27.00 -3.12
N ALA B 118 21.96 -27.34 -3.19
CA ALA B 118 20.94 -26.32 -3.48
C ALA B 118 21.05 -25.12 -2.54
N SER B 119 21.22 -25.39 -1.25
CA SER B 119 21.28 -24.27 -0.31
C SER B 119 22.53 -23.43 -0.56
N PHE B 120 23.63 -24.10 -0.90
CA PHE B 120 24.85 -23.38 -1.24
C PHE B 120 24.53 -22.38 -2.36
N PHE B 121 23.92 -22.87 -3.44
CA PHE B 121 23.62 -22.06 -4.62
C PHE B 121 22.67 -20.88 -4.30
N MET B 122 21.71 -21.14 -3.41
CA MET B 122 20.78 -20.10 -3.10
C MET B 122 21.47 -19.02 -2.28
N PHE B 123 22.39 -19.46 -1.43
CA PHE B 123 23.16 -18.53 -0.60
C PHE B 123 23.96 -17.58 -1.53
N VAL B 124 24.73 -18.13 -2.43
CA VAL B 124 25.47 -17.29 -3.37
C VAL B 124 24.54 -16.34 -4.21
N ALA B 125 23.41 -16.86 -4.69
CA ALA B 125 22.48 -16.10 -5.51
C ALA B 125 21.91 -14.86 -4.77
N VAL B 126 21.39 -15.10 -3.58
CA VAL B 126 20.77 -14.05 -2.80
C VAL B 126 21.80 -13.01 -2.36
N TRP B 127 22.96 -13.46 -1.91
CA TRP B 127 23.95 -12.50 -1.38
C TRP B 127 24.47 -11.67 -2.55
N SER B 128 24.79 -12.32 -3.66
CA SER B 128 25.31 -11.58 -4.80
C SER B 128 24.23 -10.59 -5.20
N TRP B 129 23.00 -11.05 -5.26
CA TRP B 129 21.89 -10.15 -5.62
C TRP B 129 21.75 -8.97 -4.66
N TRP B 130 21.90 -9.24 -3.36
CA TRP B 130 21.95 -8.15 -2.34
C TRP B 130 23.00 -7.13 -2.80
N GLY B 131 24.19 -7.57 -3.16
CA GLY B 131 25.21 -6.58 -3.50
C GLY B 131 24.85 -5.72 -4.71
N ARG B 132 24.13 -6.35 -5.65
CA ARG B 132 23.57 -5.67 -6.80
C ARG B 132 22.68 -4.56 -6.28
N THR B 133 21.81 -4.83 -5.31
CA THR B 133 20.94 -3.77 -4.89
C THR B 133 21.74 -2.56 -4.38
N TYR B 134 22.88 -2.77 -3.76
CA TYR B 134 23.69 -1.65 -3.23
C TYR B 134 24.41 -0.93 -4.39
N LEU B 135 25.13 -1.71 -5.20
CA LEU B 135 25.94 -1.19 -6.26
C LEU B 135 25.13 -0.41 -7.34
N ARG B 136 23.97 -0.91 -7.74
CA ARG B 136 23.08 -0.17 -8.66
C ARG B 136 22.60 1.16 -8.06
N ALA B 137 22.32 1.20 -6.76
CA ALA B 137 22.08 2.47 -6.07
C ALA B 137 23.30 3.45 -6.16
N GLN B 138 24.48 2.87 -5.95
CA GLN B 138 25.68 3.63 -5.87
C GLN B 138 26.03 4.26 -7.21
N ALA B 139 25.86 3.46 -8.27
CA ALA B 139 26.26 3.92 -9.59
C ALA B 139 25.42 5.14 -9.93
N LEU B 140 24.20 5.21 -9.43
CA LEU B 140 23.33 6.33 -9.72
C LEU B 140 23.37 7.46 -8.66
N GLY B 141 24.07 7.27 -7.55
CA GLY B 141 24.23 8.33 -6.53
C GLY B 141 23.12 8.38 -5.50
N MET B 142 22.33 7.32 -5.45
CA MET B 142 21.16 7.24 -4.61
C MET B 142 21.47 6.62 -3.26
N GLY B 143 20.54 6.84 -2.35
CA GLY B 143 20.60 6.27 -1.02
C GLY B 143 20.56 4.78 -1.09
N LYS B 144 20.88 4.13 0.04
CA LYS B 144 21.02 2.67 0.04
C LYS B 144 19.88 1.99 0.74
N HIS B 145 18.76 2.70 0.79
CA HIS B 145 17.56 2.27 1.48
C HIS B 145 17.08 0.92 0.99
N THR B 146 16.93 0.74 -0.30
CA THR B 146 16.65 -0.56 -0.86
C THR B 146 17.58 -1.63 -0.29
N ALA B 147 18.90 -1.45 -0.29
CA ALA B 147 19.76 -2.56 0.11
C ALA B 147 19.53 -2.81 1.60
N TRP B 148 19.30 -1.75 2.36
CA TRP B 148 19.00 -1.93 3.76
C TRP B 148 17.70 -2.60 3.95
N ALA B 149 16.66 -2.14 3.30
CA ALA B 149 15.38 -2.84 3.37
C ALA B 149 15.50 -4.32 3.02
N PHE B 150 16.29 -4.62 1.99
CA PHE B 150 16.36 -6.03 1.49
C PHE B 150 17.05 -6.90 2.55
N LEU B 151 17.99 -6.32 3.25
CA LEU B 151 18.65 -7.00 4.33
C LEU B 151 17.68 -7.57 5.40
N SER B 152 16.61 -6.86 5.70
CA SER B 152 15.57 -7.37 6.60
C SER B 152 14.87 -8.61 6.09
N ALA B 153 14.59 -8.67 4.79
CA ALA B 153 14.08 -9.91 4.22
C ALA B 153 15.16 -10.98 4.31
N ILE B 154 16.39 -10.63 3.94
CA ILE B 154 17.45 -11.62 3.93
C ILE B 154 17.54 -12.27 5.29
N TRP B 155 17.30 -11.45 6.33
CA TRP B 155 17.49 -11.84 7.72
C TRP B 155 16.60 -13.04 8.06
N LEU B 156 15.30 -12.93 7.79
CA LEU B 156 14.40 -14.03 8.06
C LEU B 156 14.82 -15.27 7.30
N TRP B 157 15.16 -15.12 6.04
CA TRP B 157 15.61 -16.27 5.23
C TRP B 157 16.88 -16.89 5.80
N MET B 158 17.84 -16.05 6.13
CA MET B 158 19.07 -16.49 6.74
C MET B 158 18.84 -17.19 8.08
N VAL B 159 17.93 -16.65 8.89
CA VAL B 159 17.66 -17.31 10.17
C VAL B 159 17.11 -18.73 9.92
N LEU B 160 16.07 -18.84 9.08
CA LEU B 160 15.38 -20.12 8.82
C LEU B 160 16.28 -21.22 8.28
N GLY B 161 17.19 -20.88 7.39
CA GLY B 161 17.94 -21.86 6.61
C GLY B 161 19.38 -22.12 7.00
N PHE B 162 19.97 -21.16 7.73
CA PHE B 162 21.37 -21.17 8.08
C PHE B 162 21.67 -20.89 9.57
N ILE B 163 21.26 -19.73 10.10
CA ILE B 163 21.69 -19.38 11.45
C ILE B 163 21.07 -20.33 12.49
N ARG B 164 19.77 -20.53 12.39
CA ARG B 164 19.07 -21.34 13.37
C ARG B 164 19.54 -22.76 13.27
N PRO B 165 19.61 -23.32 12.05
CA PRO B 165 20.17 -24.68 12.05
C PRO B 165 21.59 -24.76 12.59
N ILE B 166 22.43 -23.73 12.38
CA ILE B 166 23.79 -23.76 12.95
C ILE B 166 23.70 -23.74 14.48
N LEU B 167 22.93 -22.83 15.04
CA LEU B 167 22.75 -22.81 16.49
C LEU B 167 22.07 -24.01 17.05
N MET B 168 21.21 -24.72 16.32
CA MET B 168 20.61 -25.96 16.82
C MET B 168 21.52 -27.18 16.59
N GLY B 169 22.66 -27.02 15.97
CA GLY B 169 23.53 -28.15 15.75
C GLY B 169 23.23 -29.15 14.63
N SER B 170 22.20 -28.89 13.80
CA SER B 170 21.97 -29.73 12.60
C SER B 170 21.18 -29.08 11.47
N TRP B 171 21.56 -29.45 10.24
CA TRP B 171 20.85 -29.06 9.02
C TRP B 171 19.42 -29.62 8.94
N SER B 172 19.14 -30.68 9.71
CA SER B 172 17.80 -31.24 9.70
C SER B 172 16.78 -30.24 10.21
N GLU B 173 17.22 -29.18 10.89
CA GLU B 173 16.31 -28.12 11.36
C GLU B 173 15.88 -27.12 10.28
N ALA B 174 16.53 -27.18 9.13
CA ALA B 174 16.26 -26.26 8.00
C ALA B 174 15.03 -26.73 7.19
N VAL B 175 14.58 -25.85 6.30
CA VAL B 175 13.36 -26.02 5.57
C VAL B 175 13.70 -26.78 4.30
N PRO B 176 12.85 -27.75 3.90
CA PRO B 176 13.02 -28.49 2.63
C PRO B 176 12.57 -27.65 1.44
N TYR B 177 13.04 -28.00 0.26
CA TYR B 177 12.66 -27.35 -0.97
C TYR B 177 11.52 -28.18 -1.53
N GLY B 178 10.33 -27.61 -1.46
CA GLY B 178 9.13 -28.28 -1.91
C GLY B 178 7.94 -27.40 -1.64
N ILE B 179 6.92 -27.46 -2.50
CA ILE B 179 5.75 -26.59 -2.32
C ILE B 179 4.93 -27.12 -1.12
N PHE B 180 4.38 -28.33 -1.17
CA PHE B 180 3.69 -28.81 0.01
C PHE B 180 4.63 -29.05 1.22
N SER B 181 5.80 -29.66 1.01
CA SER B 181 6.67 -29.92 2.15
C SER B 181 7.03 -28.64 2.94
N HIS B 182 7.25 -27.52 2.31
CA HIS B 182 7.60 -26.38 3.16
C HIS B 182 6.44 -25.81 4.00
N LEU B 183 5.22 -25.95 3.48
CA LEU B 183 4.01 -25.66 4.28
C LEU B 183 3.89 -26.64 5.50
N ASP B 184 4.11 -27.92 5.25
CA ASP B 184 4.08 -28.92 6.33
C ASP B 184 5.09 -28.58 7.38
N TRP B 185 6.29 -28.22 6.94
CA TRP B 185 7.35 -27.78 7.82
C TRP B 185 6.91 -26.61 8.73
N THR B 186 6.28 -25.62 8.12
CA THR B 186 5.83 -24.44 8.83
C THR B 186 4.83 -24.81 9.91
N ASN B 187 3.90 -25.69 9.58
CA ASN B 187 2.87 -26.13 10.51
C ASN B 187 3.55 -26.85 11.65
N ASN B 188 4.44 -27.74 11.27
CA ASN B 188 5.10 -28.60 12.20
C ASN B 188 5.95 -27.80 13.17
N PHE B 189 6.69 -26.85 12.66
CA PHE B 189 7.44 -25.94 13.51
C PHE B 189 6.64 -25.27 14.67
N SER B 190 5.40 -24.88 14.39
CA SER B 190 4.57 -24.22 15.36
C SER B 190 4.08 -25.23 16.36
N LEU B 191 3.59 -26.38 15.86
CA LEU B 191 3.13 -27.49 16.73
C LEU B 191 4.16 -27.84 17.76
N VAL B 192 5.39 -27.94 17.28
CA VAL B 192 6.50 -28.43 18.05
C VAL B 192 7.07 -27.34 18.98
N HIS B 193 6.81 -26.06 18.73
CA HIS B 193 7.24 -24.98 19.66
C HIS B 193 6.10 -24.34 20.43
N GLY B 194 5.11 -25.14 20.80
CA GLY B 194 4.05 -24.69 21.65
C GLY B 194 3.06 -23.70 21.06
N ASN B 195 2.95 -23.66 19.73
CA ASN B 195 2.02 -22.78 19.02
C ASN B 195 2.56 -21.37 18.94
N LEU B 196 2.83 -20.98 17.71
CA LEU B 196 3.60 -19.78 17.46
C LEU B 196 2.73 -18.54 17.72
N PHE B 197 1.42 -18.73 17.84
CA PHE B 197 0.54 -17.65 18.22
C PHE B 197 0.91 -17.10 19.63
N TYR B 198 1.65 -17.89 20.41
CA TYR B 198 2.12 -17.46 21.72
C TYR B 198 3.47 -16.77 21.63
N ASN B 199 4.08 -16.71 20.47
CA ASN B 199 5.38 -16.04 20.33
C ASN B 199 5.18 -14.55 20.10
N PRO B 200 5.63 -13.70 21.06
CA PRO B 200 5.30 -12.27 20.93
C PRO B 200 5.86 -11.70 19.62
N PHE B 201 7.01 -12.16 19.18
CA PHE B 201 7.53 -11.71 17.89
C PHE B 201 6.68 -12.14 16.71
N HIS B 202 6.11 -13.33 16.75
CA HIS B 202 5.15 -13.74 15.74
C HIS B 202 3.96 -12.78 15.64
N GLY B 203 3.42 -12.40 16.79
CA GLY B 203 2.28 -11.47 16.86
C GLY B 203 2.67 -10.12 16.24
N LEU B 204 3.88 -9.62 16.53
CA LEU B 204 4.32 -8.34 15.99
C LEU B 204 4.42 -8.45 14.46
N SER B 205 4.98 -9.57 14.02
CA SER B 205 5.16 -9.79 12.62
C SER B 205 3.79 -9.68 11.94
N ILE B 206 2.78 -10.31 12.50
CA ILE B 206 1.44 -10.24 11.91
C ILE B 206 0.92 -8.79 11.90
N ALA B 207 1.15 -8.08 13.00
CA ALA B 207 0.72 -6.69 13.15
C ALA B 207 1.29 -5.92 11.95
N PHE B 208 2.56 -6.16 11.65
CA PHE B 208 3.22 -5.47 10.62
C PHE B 208 2.84 -5.89 9.22
N LEU B 209 2.52 -7.18 9.04
CA LEU B 209 2.16 -7.75 7.77
C LEU B 209 0.81 -7.22 7.45
N TYR B 210 -0.12 -7.33 8.41
CA TYR B 210 -1.44 -6.76 8.23
C TYR B 210 -1.31 -5.24 8.03
N GLY B 211 -0.42 -4.61 8.78
CA GLY B 211 -0.31 -3.18 8.77
C GLY B 211 0.21 -2.65 7.46
N SER B 212 1.05 -3.45 6.81
CA SER B 212 1.60 -3.15 5.50
C SER B 212 0.44 -3.14 4.53
N ALA B 213 -0.47 -4.09 4.68
CA ALA B 213 -1.65 -4.09 3.81
C ALA B 213 -2.52 -2.82 4.11
N LEU B 214 -2.78 -2.59 5.40
CA LEU B 214 -3.45 -1.35 5.80
C LEU B 214 -2.75 -0.12 5.18
N LEU B 215 -1.44 -0.01 5.38
CA LEU B 215 -0.72 1.18 5.01
C LEU B 215 -0.66 1.41 3.47
N PHE B 216 -0.54 0.33 2.74
CA PHE B 216 -0.32 0.51 1.38
C PHE B 216 -1.68 0.71 0.78
N ALA B 217 -2.71 0.12 1.35
CA ALA B 217 -4.08 0.45 0.86
C ALA B 217 -4.33 1.96 1.08
N MET B 218 -3.94 2.45 2.27
CA MET B 218 -4.19 3.83 2.62
C MET B 218 -3.44 4.69 1.61
N HIS B 219 -2.11 4.44 1.51
CA HIS B 219 -1.21 5.28 0.80
C HIS B 219 -1.60 5.28 -0.69
N GLY B 220 -1.69 4.11 -1.27
CA GLY B 220 -1.97 4.00 -2.70
C GLY B 220 -3.33 4.61 -3.00
N ALA B 221 -4.34 4.35 -2.16
CA ALA B 221 -5.68 4.93 -2.38
C ALA B 221 -5.53 6.45 -2.31
N THR B 222 -4.62 6.95 -1.46
CA THR B 222 -4.52 8.38 -1.20
C THR B 222 -3.90 9.12 -2.42
N ILE B 223 -2.73 8.61 -2.85
CA ILE B 223 -2.09 9.10 -4.08
C ILE B 223 -3.04 9.02 -5.27
N LEU B 224 -3.79 7.96 -5.40
CA LEU B 224 -4.76 7.91 -6.50
C LEU B 224 -5.81 8.98 -6.33
N ALA B 225 -6.42 9.05 -5.13
CA ALA B 225 -7.41 10.12 -4.79
C ALA B 225 -6.93 11.55 -5.07
N VAL B 226 -5.62 11.82 -4.90
CA VAL B 226 -5.10 13.14 -5.26
C VAL B 226 -4.32 13.17 -6.58
N SER B 227 -4.52 12.14 -7.40
CA SER B 227 -3.78 12.13 -8.66
C SER B 227 -4.26 13.23 -9.63
N ARG B 228 -5.48 13.77 -9.47
CA ARG B 228 -6.00 14.93 -10.22
C ARG B 228 -5.24 16.27 -9.91
N PHE B 229 -4.42 16.28 -8.86
CA PHE B 229 -3.49 17.42 -8.60
C PHE B 229 -2.04 16.98 -8.74
N GLY B 230 -1.79 15.87 -9.39
CA GLY B 230 -0.40 15.46 -9.61
C GLY B 230 0.28 14.76 -8.45
N GLY B 231 -0.52 14.18 -7.55
CA GLY B 231 -0.02 13.51 -6.38
C GLY B 231 1.14 12.55 -6.56
N GLU B 232 1.13 11.78 -7.64
CA GLU B 232 2.09 10.66 -7.76
C GLU B 232 3.50 11.15 -7.98
N ARG B 233 3.60 12.45 -8.22
CA ARG B 233 4.87 13.07 -8.49
C ARG B 233 5.48 13.46 -7.17
N GLU B 234 5.89 12.43 -6.43
CA GLU B 234 6.19 12.56 -5.01
C GLU B 234 7.50 13.28 -4.74
N LEU B 235 8.52 13.06 -5.56
CA LEU B 235 9.76 13.81 -5.32
C LEU B 235 9.55 15.35 -5.44
N GLU B 236 8.83 15.79 -6.44
CA GLU B 236 8.66 17.22 -6.63
C GLU B 236 7.65 17.78 -5.59
N GLN B 237 6.76 16.94 -5.09
CA GLN B 237 5.89 17.33 -4.02
C GLN B 237 6.70 17.40 -2.73
N ILE B 238 7.74 16.56 -2.62
CA ILE B 238 8.66 16.67 -1.50
C ILE B 238 9.35 18.01 -1.59
N ALA B 239 9.85 18.34 -2.76
CA ALA B 239 10.69 19.54 -2.92
C ALA B 239 9.90 20.83 -2.92
N ASP B 240 8.57 20.78 -3.07
CA ASP B 240 7.75 21.98 -3.32
C ASP B 240 6.30 21.59 -3.15
N ARG B 241 5.88 21.52 -1.91
CA ARG B 241 4.52 21.03 -1.54
C ARG B 241 3.43 21.66 -2.38
N GLY B 242 2.48 20.83 -2.83
CA GLY B 242 1.41 21.30 -3.72
C GLY B 242 0.05 21.00 -3.13
N THR B 243 -1.01 21.40 -3.81
CA THR B 243 -2.34 21.12 -3.21
C THR B 243 -2.63 19.61 -3.03
N ALA B 244 -1.96 18.79 -3.87
CA ALA B 244 -2.02 17.32 -3.75
C ALA B 244 -1.51 16.91 -2.37
N ALA B 245 -0.32 17.36 -1.95
CA ALA B 245 0.18 16.92 -0.64
C ALA B 245 -0.75 17.42 0.45
N GLU B 246 -1.24 18.65 0.30
CA GLU B 246 -2.03 19.23 1.38
C GLU B 246 -3.38 18.55 1.54
N ARG B 247 -4.05 18.23 0.44
CA ARG B 247 -5.35 17.60 0.58
C ARG B 247 -5.25 16.18 1.20
N ALA B 248 -4.20 15.49 0.80
CA ALA B 248 -3.80 14.16 1.34
C ALA B 248 -3.58 14.22 2.89
N ALA B 249 -2.72 15.15 3.33
CA ALA B 249 -2.53 15.35 4.78
C ALA B 249 -3.88 15.57 5.48
N LEU B 250 -4.69 16.40 4.86
CA LEU B 250 -5.86 16.91 5.53
C LEU B 250 -6.98 15.85 5.53
N PHE B 251 -6.99 15.00 4.49
CA PHE B 251 -7.89 13.89 4.55
C PHE B 251 -7.67 13.13 5.86
N TRP B 252 -6.41 12.92 6.21
CA TRP B 252 -6.07 12.02 7.31
C TRP B 252 -6.18 12.74 8.62
N ARG B 253 -5.78 14.01 8.61
CA ARG B 253 -5.91 14.83 9.81
C ARG B 253 -7.41 14.87 10.20
N TRP B 254 -8.28 15.15 9.24
CA TRP B 254 -9.72 15.17 9.50
C TRP B 254 -10.36 13.79 9.78
N THR B 255 -9.81 12.72 9.21
CA THR B 255 -10.27 11.39 9.60
C THR B 255 -9.79 10.96 11.01
N MET B 256 -8.47 10.86 11.20
CA MET B 256 -7.88 10.25 12.41
C MET B 256 -7.11 11.19 13.28
N GLY B 257 -6.98 12.44 12.90
CA GLY B 257 -6.45 13.47 13.84
C GLY B 257 -4.95 13.76 13.79
N PHE B 258 -4.27 13.09 12.90
CA PHE B 258 -2.87 13.34 12.67
C PHE B 258 -2.62 12.93 11.21
N ASN B 259 -1.43 13.19 10.71
CA ASN B 259 -1.16 12.87 9.36
C ASN B 259 0.36 12.86 8.96
N ALA B 260 0.64 12.57 7.68
CA ALA B 260 1.99 12.49 7.18
C ALA B 260 2.40 13.72 6.29
N THR B 261 3.68 13.71 5.91
CA THR B 261 4.23 14.52 4.84
C THR B 261 4.44 13.54 3.67
N MET B 262 4.67 14.08 2.47
CA MET B 262 5.02 13.29 1.32
C MET B 262 6.29 12.50 1.47
N GLU B 263 7.31 13.02 2.11
CA GLU B 263 8.48 12.21 2.27
C GLU B 263 8.15 11.31 3.44
N GLY B 264 7.70 11.87 4.55
CA GLY B 264 7.49 11.04 5.74
C GLY B 264 6.62 9.79 5.60
N ILE B 265 5.60 9.80 4.72
CA ILE B 265 4.74 8.61 4.55
C ILE B 265 5.63 7.46 4.10
N HIS B 266 6.70 7.78 3.39
CA HIS B 266 7.58 6.78 2.86
C HIS B 266 8.50 6.24 3.92
N ARG B 267 8.74 6.98 4.99
CA ARG B 267 9.46 6.38 6.14
C ARG B 267 8.55 5.43 6.97
N TRP B 268 7.30 5.84 7.22
CA TRP B 268 6.25 4.92 7.76
C TRP B 268 6.17 3.67 6.88
N ALA B 269 6.13 3.86 5.55
CA ALA B 269 6.13 2.72 4.64
C ALA B 269 7.36 1.77 4.83
N ILE B 270 8.58 2.27 4.68
CA ILE B 270 9.71 1.37 4.67
C ILE B 270 9.74 0.62 5.95
N TRP B 271 9.35 1.23 7.06
CA TRP B 271 9.55 0.56 8.36
C TRP B 271 8.46 -0.43 8.63
N MET B 272 7.22 -0.06 8.28
CA MET B 272 6.07 -0.95 8.45
C MET B 272 6.38 -2.30 7.87
N ALA B 273 6.99 -2.31 6.70
CA ALA B 273 7.34 -3.50 5.92
C ALA B 273 8.55 -4.21 6.54
N VAL B 274 9.63 -3.53 6.58
CA VAL B 274 10.86 -4.06 7.10
C VAL B 274 10.70 -4.73 8.46
N LEU B 275 9.78 -4.26 9.31
CA LEU B 275 9.61 -4.83 10.67
C LEU B 275 8.90 -6.18 10.67
N VAL B 276 8.22 -6.48 9.57
CA VAL B 276 7.70 -7.80 9.32
C VAL B 276 8.75 -8.86 9.49
N THR B 277 9.78 -8.82 8.68
CA THR B 277 10.76 -9.86 8.70
C THR B 277 11.78 -9.68 9.79
N LEU B 278 11.97 -8.47 10.29
CA LEU B 278 12.86 -8.29 11.44
C LEU B 278 12.38 -9.00 12.67
N THR B 279 11.15 -8.62 13.05
CA THR B 279 10.58 -9.16 14.24
C THR B 279 10.43 -10.62 13.97
N GLY B 280 10.03 -10.95 12.76
CA GLY B 280 9.77 -12.35 12.36
C GLY B 280 10.99 -13.21 12.59
N GLY B 281 12.14 -12.74 12.21
CA GLY B 281 13.32 -13.55 12.26
C GLY B 281 13.84 -13.68 13.66
N ILE B 282 13.54 -12.70 14.53
CA ILE B 282 13.86 -12.84 15.97
C ILE B 282 13.01 -13.98 16.54
N GLY B 283 11.71 -13.88 16.29
CA GLY B 283 10.75 -14.87 16.73
C GLY B 283 11.19 -16.30 16.50
N ILE B 284 11.65 -16.55 15.28
CA ILE B 284 12.14 -17.86 14.86
C ILE B 284 13.50 -18.19 15.44
N LEU B 285 14.40 -17.20 15.51
CA LEU B 285 15.78 -17.46 15.93
C LEU B 285 15.78 -17.92 17.36
N LEU B 286 14.84 -17.39 18.14
CA LEU B 286 14.72 -17.75 19.56
C LEU B 286 14.01 -19.09 19.77
N SER B 287 13.36 -19.61 18.72
CA SER B 287 12.47 -20.75 18.84
C SER B 287 13.29 -21.98 18.81
N GLY B 288 13.32 -22.66 19.95
CA GLY B 288 14.09 -23.90 20.09
C GLY B 288 15.52 -23.72 20.48
N THR B 289 16.04 -22.49 20.44
CA THR B 289 17.41 -22.19 20.89
C THR B 289 17.36 -21.70 22.35
N VAL B 290 16.45 -20.77 22.59
CA VAL B 290 16.20 -20.19 23.90
C VAL B 290 14.83 -20.58 24.45
N VAL B 291 13.84 -20.84 23.61
CA VAL B 291 12.51 -21.18 24.10
C VAL B 291 12.05 -22.42 23.36
N ASP B 292 11.68 -23.45 24.11
CA ASP B 292 11.21 -24.67 23.47
C ASP B 292 9.76 -24.63 23.30
N ASN B 293 9.07 -23.78 24.06
CA ASN B 293 7.60 -23.80 24.02
C ASN B 293 7.03 -22.42 24.37
N TRP B 294 6.50 -21.72 23.37
CA TRP B 294 5.96 -20.39 23.58
C TRP B 294 4.75 -20.37 24.49
N TYR B 295 3.86 -21.36 24.45
CA TYR B 295 2.79 -21.37 25.45
C TYR B 295 3.38 -21.29 26.88
N VAL B 296 4.46 -22.06 27.09
CA VAL B 296 5.10 -22.18 28.37
C VAL B 296 5.80 -20.89 28.77
N TRP B 297 6.55 -20.34 27.86
CA TRP B 297 7.20 -19.05 28.04
C TRP B 297 6.19 -18.01 28.44
N GLY B 298 5.10 -17.94 27.70
CA GLY B 298 4.00 -17.04 28.03
C GLY B 298 3.53 -17.14 29.45
N GLN B 299 3.47 -18.32 30.01
CA GLN B 299 2.92 -18.47 31.35
C GLN B 299 3.81 -17.82 32.38
N ASN B 300 5.11 -17.77 32.09
CA ASN B 300 6.12 -17.29 33.01
C ASN B 300 6.62 -15.87 32.75
N HIS B 301 6.12 -15.22 31.69
CA HIS B 301 6.66 -13.95 31.24
C HIS B 301 5.48 -13.08 30.74
N GLY B 302 4.58 -12.74 31.68
CA GLY B 302 3.33 -12.04 31.37
C GLY B 302 2.42 -12.82 30.41
N ASN C 9 15.58 -9.46 33.69
CA ASN C 9 15.07 -10.26 32.51
C ASN C 9 15.86 -11.57 32.37
N PHE C 10 15.65 -12.55 33.27
CA PHE C 10 16.59 -13.72 33.30
C PHE C 10 16.87 -14.29 31.91
N ASP C 11 15.88 -14.11 31.01
CA ASP C 11 15.84 -14.85 29.77
C ASP C 11 15.93 -13.93 28.56
N LEU C 12 16.63 -14.42 27.54
CA LEU C 12 16.96 -13.65 26.37
C LEU C 12 15.73 -13.26 25.56
N ALA C 13 14.64 -14.04 25.59
CA ALA C 13 13.42 -13.66 24.87
C ALA C 13 12.79 -12.41 25.48
N SER C 14 12.70 -12.41 26.82
CA SER C 14 12.19 -11.28 27.59
C SER C 14 13.00 -10.05 27.36
N LEU C 15 14.31 -10.20 27.31
CA LEU C 15 15.18 -9.06 27.03
C LEU C 15 14.89 -8.56 25.60
N ALA C 16 14.73 -9.50 24.67
CA ALA C 16 14.50 -9.17 23.29
C ALA C 16 13.18 -8.40 23.15
N ILE C 17 12.11 -8.89 23.76
CA ILE C 17 10.81 -8.29 23.49
C ILE C 17 10.69 -6.91 24.15
N TYR C 18 11.29 -6.79 25.33
CA TYR C 18 11.31 -5.52 26.08
C TYR C 18 12.15 -4.48 25.31
N SER C 19 13.34 -4.86 24.89
CA SER C 19 14.14 -4.00 24.02
C SER C 19 13.41 -3.58 22.76
N PHE C 20 12.68 -4.50 22.14
CA PHE C 20 11.97 -4.14 20.89
C PHE C 20 10.86 -3.11 21.12
N TRP C 21 10.12 -3.25 22.20
CA TRP C 21 9.09 -2.26 22.51
C TRP C 21 9.71 -0.89 22.71
N ILE C 22 10.89 -0.84 23.35
CA ILE C 22 11.52 0.47 23.58
C ILE C 22 11.88 1.06 22.22
N PHE C 23 12.55 0.27 21.41
CA PHE C 23 12.85 0.67 20.06
C PHE C 23 11.63 1.16 19.34
N LEU C 24 10.54 0.42 19.37
CA LEU C 24 9.33 0.80 18.59
C LEU C 24 8.73 2.11 19.05
N ALA C 25 8.67 2.31 20.34
CA ALA C 25 8.34 3.64 20.88
C ALA C 25 9.30 4.73 20.36
N GLY C 26 10.60 4.48 20.30
CA GLY C 26 11.53 5.49 19.76
C GLY C 26 11.38 5.72 18.25
N LEU C 27 11.11 4.63 17.55
CA LEU C 27 10.90 4.69 16.15
C LEU C 27 9.64 5.53 15.89
N ILE C 28 8.54 5.24 16.58
CA ILE C 28 7.29 5.98 16.35
C ILE C 28 7.51 7.44 16.64
N TYR C 29 8.22 7.73 17.72
CA TYR C 29 8.58 9.12 18.03
C TYR C 29 9.29 9.77 16.87
N TYR C 30 10.39 9.16 16.43
CA TYR C 30 11.19 9.69 15.29
C TYR C 30 10.33 9.87 14.03
N LEU C 31 9.62 8.81 13.65
CA LEU C 31 8.69 8.89 12.52
C LEU C 31 7.73 10.09 12.62
N GLN C 32 7.14 10.32 13.79
CA GLN C 32 6.14 11.34 13.88
C GLN C 32 6.80 12.69 13.73
N THR C 33 7.97 12.91 14.33
CA THR C 33 8.68 14.19 14.12
C THR C 33 9.11 14.41 12.68
N GLU C 34 9.45 13.33 11.97
CA GLU C 34 9.83 13.46 10.53
C GLU C 34 8.64 13.95 9.73
N ASN C 35 7.44 13.65 10.19
CA ASN C 35 6.23 14.06 9.50
C ASN C 35 5.69 15.42 9.96
N MET C 36 6.53 16.16 10.70
CA MET C 36 6.16 17.50 11.12
C MET C 36 7.06 18.55 10.45
N ARG C 37 7.68 18.16 9.33
CA ARG C 37 8.48 19.08 8.53
C ARG C 37 7.65 19.98 7.65
N GLU C 38 6.34 19.78 7.59
CA GLU C 38 5.45 20.67 6.88
C GLU C 38 4.18 20.82 7.69
N GLY C 39 3.66 22.03 7.60
CA GLY C 39 2.41 22.41 8.23
C GLY C 39 2.50 22.74 9.69
N TYR C 40 3.72 22.75 10.24
CA TYR C 40 3.96 23.00 11.65
C TYR C 40 4.94 24.15 11.79
N PRO C 41 4.82 24.97 12.87
CA PRO C 41 3.89 24.75 14.03
C PRO C 41 2.41 24.92 13.69
N LEU C 42 1.56 24.13 14.33
CA LEU C 42 0.12 24.38 14.33
C LEU C 42 -0.20 25.85 14.64
N GLU C 43 -1.29 26.27 14.02
CA GLU C 43 -1.72 27.63 14.07
C GLU C 43 -3.18 27.69 14.51
N ASN C 44 -3.55 28.82 15.13
CA ASN C 44 -4.95 29.15 15.38
C ASN C 44 -5.59 29.55 14.06
N GLU C 45 -6.90 29.67 14.06
CA GLU C 45 -7.62 29.99 12.83
C GLU C 45 -7.21 31.38 12.32
N ASP C 46 -6.74 32.26 13.21
CA ASP C 46 -6.29 33.60 12.78
C ASP C 46 -4.86 33.65 12.19
N GLY C 47 -4.19 32.49 12.21
CA GLY C 47 -2.84 32.32 11.68
C GLY C 47 -1.71 32.44 12.68
N THR C 48 -2.03 32.67 13.94
CA THR C 48 -0.99 32.81 14.94
C THR C 48 -0.61 31.41 15.43
N PRO C 49 0.59 31.31 16.04
CA PRO C 49 1.03 30.02 16.61
C PRO C 49 0.15 29.52 17.75
N ALA C 50 -0.47 28.38 17.56
CA ALA C 50 -1.36 27.81 18.55
C ALA C 50 -0.66 27.51 19.85
N ALA C 51 -1.50 27.36 20.86
CA ALA C 51 -1.05 27.26 22.23
C ALA C 51 -0.46 25.87 22.43
N ASN C 52 -1.19 24.81 22.08
CA ASN C 52 -0.73 23.45 22.37
C ASN C 52 -0.30 22.83 21.08
N GLN C 53 1.01 22.56 20.99
CA GLN C 53 1.58 21.94 19.79
C GLN C 53 1.60 20.42 19.87
N GLY C 54 1.23 19.84 20.99
CA GLY C 54 1.38 18.39 21.15
C GLY C 54 2.71 17.99 21.79
N PRO C 55 2.83 16.70 22.11
CA PRO C 55 4.01 16.27 22.89
C PRO C 55 5.26 16.04 22.01
N PHE C 56 5.10 15.98 20.69
CA PHE C 56 6.24 15.83 19.77
C PHE C 56 6.80 17.18 19.33
N PRO C 57 8.15 17.33 19.36
CA PRO C 57 8.80 18.54 18.99
C PRO C 57 9.12 18.56 17.51
N LEU C 58 9.50 19.75 17.02
CA LEU C 58 9.85 19.92 15.61
C LEU C 58 11.20 19.28 15.39
N PRO C 59 11.34 18.53 14.30
CA PRO C 59 12.65 17.95 14.09
C PRO C 59 13.62 19.04 13.81
N LYS C 60 14.87 18.68 13.99
CA LYS C 60 16.00 19.50 13.53
C LYS C 60 15.91 19.63 11.98
N PRO C 61 15.99 20.86 11.43
CA PRO C 61 15.81 20.97 9.96
C PRO C 61 16.76 20.12 9.12
N LYS C 62 16.29 19.76 7.93
CA LYS C 62 17.16 19.13 6.94
C LYS C 62 17.05 19.98 5.71
N THR C 63 18.13 20.02 4.91
CA THR C 63 18.07 20.64 3.58
C THR C 63 18.26 19.71 2.36
N PHE C 64 17.32 19.83 1.43
CA PHE C 64 17.37 19.12 0.18
C PHE C 64 18.08 20.04 -0.77
N ILE C 65 18.97 19.46 -1.58
CA ILE C 65 19.61 20.20 -2.70
C ILE C 65 18.80 19.85 -3.96
N LEU C 66 18.16 20.85 -4.53
CA LEU C 66 17.27 20.61 -5.62
C LEU C 66 18.17 20.51 -6.82
N PRO C 67 17.80 19.73 -7.86
CA PRO C 67 18.72 19.63 -8.99
C PRO C 67 18.60 20.80 -9.94
N HIS C 68 19.34 20.73 -11.04
CA HIS C 68 19.25 21.75 -12.10
C HIS C 68 19.32 23.20 -11.62
N GLY C 69 20.17 23.45 -10.61
CA GLY C 69 20.42 24.80 -10.09
C GLY C 69 19.25 25.46 -9.38
N ARG C 70 18.24 24.67 -8.99
CA ARG C 70 16.96 25.24 -8.60
C ARG C 70 16.93 25.57 -7.13
N GLY C 71 18.07 25.44 -6.47
CA GLY C 71 18.16 25.86 -5.07
C GLY C 71 18.04 24.74 -4.09
N THR C 72 17.68 25.10 -2.87
CA THR C 72 17.52 24.12 -1.85
C THR C 72 16.16 24.31 -1.18
N LEU C 73 15.69 23.32 -0.44
CA LEU C 73 14.49 23.46 0.39
C LEU C 73 14.90 22.99 1.74
N THR C 74 14.74 23.86 2.73
CA THR C 74 15.01 23.53 4.14
C THR C 74 13.71 23.46 4.94
N VAL C 75 13.43 22.33 5.55
CA VAL C 75 12.19 22.09 6.28
C VAL C 75 12.56 21.43 7.62
N PRO C 76 11.91 21.80 8.72
CA PRO C 76 10.81 22.74 8.76
C PRO C 76 11.38 24.15 8.73
N GLY C 77 10.59 25.07 8.23
CA GLY C 77 10.94 26.44 8.33
C GLY C 77 9.72 27.31 8.25
N PRO C 78 9.94 28.64 8.36
CA PRO C 78 8.84 29.62 8.33
C PRO C 78 7.79 29.28 7.27
N GLU C 79 6.61 28.92 7.79
CA GLU C 79 5.45 28.46 7.03
C GLU C 79 4.62 29.68 6.63
N SER C 80 4.20 29.74 5.38
CA SER C 80 3.45 30.89 4.93
C SER C 80 2.77 30.61 3.59
N GLU C 81 1.46 30.92 3.55
CA GLU C 81 0.58 30.69 2.37
C GLU C 81 1.04 31.45 1.12
N ASP C 82 1.68 32.63 1.32
CA ASP C 82 2.16 33.48 0.22
C ASP C 82 1.07 33.78 -0.78
N ARG C 83 -0.15 33.98 -0.27
CA ARG C 83 -1.30 34.39 -1.10
C ARG C 83 -2.41 34.74 -0.12
N PRO C 84 -3.31 35.65 -0.51
CA PRO C 84 -4.41 36.03 0.36
C PRO C 84 -5.55 34.99 0.35
N ILE C 85 -6.20 34.80 1.48
CA ILE C 85 -7.20 33.77 1.54
C ILE C 85 -8.57 34.32 1.73
N ALA C 86 -9.32 34.39 0.63
CA ALA C 86 -10.68 34.95 0.59
C ALA C 86 -11.72 34.14 1.41
N LEU C 87 -11.60 34.09 2.72
CA LEU C 87 -12.58 33.37 3.55
C LEU C 87 -12.78 34.16 4.82
N ALA C 88 -13.89 33.90 5.49
CA ALA C 88 -14.27 34.63 6.70
C ALA C 88 -14.88 33.65 7.70
N ARG C 89 -14.59 33.83 8.97
CA ARG C 89 -15.18 32.98 9.99
C ARG C 89 -16.71 33.07 9.87
N THR C 90 -17.40 31.96 10.14
CA THR C 90 -18.86 31.91 10.18
C THR C 90 -19.37 31.72 11.59
N ALA C 91 -18.49 31.57 12.58
CA ALA C 91 -18.88 31.43 14.00
C ALA C 91 -18.02 32.33 14.90
N VAL C 92 -18.38 32.47 16.17
CA VAL C 92 -17.58 33.26 17.12
C VAL C 92 -16.59 32.42 17.95
N SER C 93 -16.37 31.18 17.55
CA SER C 93 -15.48 30.33 18.31
C SER C 93 -14.88 29.25 17.39
N GLU C 94 -13.88 28.51 17.88
CA GLU C 94 -13.05 27.65 17.01
C GLU C 94 -13.86 26.50 16.46
N GLY C 95 -13.51 26.05 15.27
CA GLY C 95 -13.91 24.71 14.83
C GLY C 95 -15.02 24.63 13.81
N PHE C 96 -15.57 25.78 13.44
CA PHE C 96 -16.56 25.85 12.36
C PHE C 96 -15.96 26.32 11.02
N PRO C 97 -16.71 26.16 9.91
CA PRO C 97 -16.22 26.49 8.60
C PRO C 97 -16.09 27.97 8.33
N HIS C 98 -15.41 28.23 7.23
CA HIS C 98 -14.99 29.57 6.84
C HIS C 98 -15.62 29.82 5.47
N ALA C 99 -16.58 30.75 5.44
CA ALA C 99 -17.38 31.05 4.24
C ALA C 99 -16.50 31.81 3.23
N PRO C 100 -16.51 31.42 1.97
CA PRO C 100 -15.82 32.25 0.98
C PRO C 100 -16.44 33.60 0.90
N THR C 101 -15.62 34.64 0.71
CA THR C 101 -16.07 36.01 0.77
C THR C 101 -16.41 36.55 -0.61
N GLY C 102 -15.98 35.81 -1.63
CA GLY C 102 -16.27 36.10 -3.04
C GLY C 102 -16.63 34.80 -3.76
N ASP C 103 -16.16 34.67 -4.97
CA ASP C 103 -16.41 33.45 -5.75
C ASP C 103 -15.22 32.50 -5.49
N PRO C 104 -15.48 31.36 -4.83
CA PRO C 104 -14.36 30.53 -4.37
C PRO C 104 -13.62 29.89 -5.52
N MET C 105 -14.29 29.70 -6.65
CA MET C 105 -13.59 29.15 -7.82
C MET C 105 -12.53 30.12 -8.31
N LYS C 106 -12.89 31.39 -8.47
CA LYS C 106 -11.94 32.47 -8.83
C LYS C 106 -10.94 32.77 -7.71
N ASP C 107 -11.41 32.74 -6.48
CA ASP C 107 -10.57 33.07 -5.34
C ASP C 107 -9.58 31.98 -4.92
N GLY C 108 -9.80 30.74 -5.39
CA GLY C 108 -8.93 29.64 -5.10
C GLY C 108 -9.05 29.14 -3.65
N VAL C 109 -10.25 28.85 -3.20
CA VAL C 109 -10.47 28.39 -1.82
C VAL C 109 -11.31 27.13 -1.83
N GLY C 110 -11.34 26.45 -0.71
CA GLY C 110 -12.12 25.22 -0.61
C GLY C 110 -11.58 24.14 -1.52
N PRO C 111 -12.47 23.32 -2.11
CA PRO C 111 -11.96 22.37 -3.09
C PRO C 111 -11.38 23.00 -4.38
N ALA C 112 -11.47 24.33 -4.52
CA ALA C 112 -10.80 25.01 -5.64
C ALA C 112 -9.41 25.56 -5.24
N SER C 113 -8.91 25.14 -4.10
CA SER C 113 -7.70 25.72 -3.53
C SER C 113 -6.48 25.38 -4.40
N TRP C 114 -5.50 26.25 -4.48
CA TRP C 114 -4.20 25.94 -5.04
C TRP C 114 -3.05 26.32 -4.10
N VAL C 115 -1.84 25.83 -4.33
CA VAL C 115 -0.70 26.25 -3.53
C VAL C 115 0.21 27.04 -4.41
N ALA C 116 0.90 28.02 -3.83
CA ALA C 116 1.91 28.87 -4.53
C ALA C 116 3.22 28.10 -4.64
N ARG C 117 3.14 27.01 -5.40
CA ARG C 117 4.28 26.26 -5.83
C ARG C 117 5.14 27.19 -6.71
N ARG C 118 6.32 26.69 -7.07
N ARG C 118 6.34 26.75 -7.06
CA ARG C 118 7.18 27.42 -8.01
CA ARG C 118 7.17 27.59 -7.91
C ARG C 118 6.46 27.66 -9.31
C ARG C 118 6.64 27.65 -9.32
N ASP C 119 6.58 28.88 -9.82
CA ASP C 119 6.20 29.22 -11.18
C ASP C 119 7.31 28.90 -12.21
N LEU C 120 7.84 27.67 -12.16
CA LEU C 120 8.65 27.04 -13.26
C LEU C 120 8.13 25.64 -13.60
N PRO C 121 8.44 25.17 -14.80
CA PRO C 121 8.00 23.79 -15.09
C PRO C 121 8.84 22.75 -14.34
N GLU C 122 8.24 21.60 -13.98
CA GLU C 122 9.01 20.50 -13.47
C GLU C 122 9.95 20.04 -14.53
N LEU C 123 11.21 19.89 -14.18
CA LEU C 123 12.21 19.38 -15.10
C LEU C 123 12.43 17.91 -14.91
N ASP C 124 13.01 17.27 -15.92
CA ASP C 124 13.28 15.83 -15.85
C ASP C 124 14.72 15.55 -15.58
N GLY C 125 15.05 14.27 -15.59
CA GLY C 125 16.38 13.82 -15.24
C GLY C 125 17.47 14.52 -16.02
N HIS C 126 17.16 14.98 -17.22
CA HIS C 126 18.12 15.65 -18.07
C HIS C 126 17.93 17.14 -18.14
N GLY C 127 17.12 17.68 -17.26
CA GLY C 127 16.80 19.12 -17.26
C GLY C 127 15.91 19.63 -18.38
N HIS C 128 15.08 18.77 -18.99
CA HIS C 128 14.14 19.20 -20.00
C HIS C 128 12.78 19.32 -19.43
N ASN C 129 11.93 20.19 -19.92
CA ASN C 129 10.56 20.23 -19.34
C ASN C 129 9.91 18.83 -19.30
N LYS C 130 9.44 18.43 -18.13
CA LYS C 130 8.76 17.15 -17.94
C LYS C 130 7.50 16.94 -18.76
N ILE C 131 6.65 17.96 -18.85
CA ILE C 131 5.38 17.91 -19.53
C ILE C 131 5.50 18.85 -20.73
N LYS C 132 5.10 18.37 -21.92
CA LYS C 132 5.01 19.24 -23.10
C LYS C 132 3.92 18.76 -23.99
N PRO C 133 3.38 19.66 -24.81
CA PRO C 133 2.33 19.23 -25.69
C PRO C 133 2.87 18.18 -26.64
N MET C 134 2.04 17.22 -27.04
CA MET C 134 2.53 16.07 -27.78
C MET C 134 3.05 16.48 -29.18
N LYS C 135 2.49 17.53 -29.75
CA LYS C 135 3.09 18.07 -30.94
C LYS C 135 4.54 18.40 -30.73
N ALA C 136 4.87 19.02 -29.63
CA ALA C 136 6.27 19.38 -29.37
C ALA C 136 7.10 18.25 -28.78
N ALA C 137 6.56 17.06 -28.61
CA ALA C 137 7.28 15.96 -27.92
C ALA C 137 7.73 14.89 -28.92
N ALA C 138 8.88 15.12 -29.55
CA ALA C 138 9.45 14.22 -30.59
C ALA C 138 9.18 12.74 -30.39
N GLY C 139 8.56 12.13 -31.40
CA GLY C 139 8.34 10.69 -31.45
C GLY C 139 7.26 10.11 -30.54
N PHE C 140 6.62 10.99 -29.77
CA PHE C 140 5.44 10.64 -28.98
C PHE C 140 4.16 10.63 -29.80
N HIS C 141 3.42 9.54 -29.63
CA HIS C 141 2.11 9.35 -30.23
C HIS C 141 1.22 8.50 -29.29
N VAL C 142 -0.10 8.65 -29.46
CA VAL C 142 -1.06 7.66 -28.91
C VAL C 142 -0.72 6.25 -29.41
N SER C 143 -0.50 5.32 -28.47
CA SER C 143 -0.12 3.93 -28.76
C SER C 143 -1.25 2.88 -28.52
N ALA C 144 -2.33 3.29 -27.87
CA ALA C 144 -3.40 2.37 -27.50
C ALA C 144 -4.50 3.19 -26.86
N GLY C 145 -5.74 2.75 -27.02
CA GLY C 145 -6.88 3.46 -26.43
C GLY C 145 -7.43 4.44 -27.44
N LYS C 146 -8.53 5.11 -27.13
CA LYS C 146 -9.14 6.02 -28.08
C LYS C 146 -8.35 7.32 -27.96
N ASN C 147 -7.89 7.84 -29.11
CA ASN C 147 -7.26 9.13 -29.20
C ASN C 147 -8.33 10.25 -29.03
N PRO C 148 -8.21 11.05 -27.96
CA PRO C 148 -9.10 12.20 -27.75
C PRO C 148 -8.88 13.41 -28.65
N ILE C 149 -7.74 13.51 -29.38
CA ILE C 149 -7.48 14.74 -30.11
C ILE C 149 -8.57 14.81 -31.13
N GLY C 150 -9.36 15.90 -31.11
CA GLY C 150 -10.43 16.14 -32.09
C GLY C 150 -11.82 16.03 -31.51
N LEU C 151 -11.95 15.31 -30.39
CA LEU C 151 -13.24 15.15 -29.69
C LEU C 151 -13.78 16.47 -29.14
N PRO C 152 -15.13 16.63 -29.14
CA PRO C 152 -15.72 17.80 -28.47
C PRO C 152 -15.74 17.53 -26.99
N VAL C 153 -15.50 18.59 -26.24
CA VAL C 153 -15.54 18.54 -24.80
C VAL C 153 -16.89 19.08 -24.29
N ARG C 154 -17.50 18.26 -23.42
CA ARG C 154 -18.80 18.53 -22.83
C ARG C 154 -18.68 18.63 -21.33
N GLY C 155 -19.23 19.73 -20.82
CA GLY C 155 -19.33 19.96 -19.37
C GLY C 155 -20.60 19.36 -18.78
N CYS C 156 -20.68 19.38 -17.45
CA CYS C 156 -21.83 18.77 -16.77
C CYS C 156 -23.15 19.49 -17.01
N ASP C 157 -23.19 20.66 -17.61
CA ASP C 157 -24.50 21.15 -18.00
C ASP C 157 -25.02 20.55 -19.32
N LEU C 158 -24.39 19.45 -19.77
CA LEU C 158 -24.62 18.83 -21.08
C LEU C 158 -24.50 19.78 -22.27
N GLU C 159 -23.61 20.76 -22.16
CA GLU C 159 -23.34 21.75 -23.24
C GLU C 159 -21.85 21.68 -23.66
N ILE C 160 -21.59 21.87 -24.97
CA ILE C 160 -20.23 21.78 -25.50
C ILE C 160 -19.41 22.97 -25.04
N ALA C 161 -18.28 22.70 -24.39
CA ALA C 161 -17.36 23.77 -23.94
C ALA C 161 -16.19 23.96 -24.91
N GLY C 162 -15.94 22.99 -25.78
CA GLY C 162 -14.81 23.11 -26.68
C GLY C 162 -14.42 21.85 -27.46
N LYS C 163 -13.20 21.85 -27.97
CA LYS C 163 -12.63 20.67 -28.60
C LYS C 163 -11.23 20.41 -28.10
N VAL C 164 -10.84 19.15 -28.13
CA VAL C 164 -9.49 18.74 -27.75
C VAL C 164 -8.51 18.92 -28.93
N VAL C 165 -7.46 19.72 -28.69
CA VAL C 165 -6.46 20.04 -29.68
C VAL C 165 -5.05 19.38 -29.43
N ASP C 166 -4.79 18.80 -28.25
CA ASP C 166 -3.56 18.04 -28.01
C ASP C 166 -3.68 17.33 -26.69
N ILE C 167 -2.84 16.32 -26.48
CA ILE C 167 -2.61 15.73 -25.19
C ILE C 167 -1.29 16.34 -24.69
N TRP C 168 -1.20 16.76 -23.43
CA TRP C 168 0.08 17.14 -22.85
C TRP C 168 0.61 15.93 -22.15
N VAL C 169 1.80 15.50 -22.48
CA VAL C 169 2.32 14.22 -22.05
C VAL C 169 3.46 14.43 -21.09
N ASP C 170 3.63 13.51 -20.16
CA ASP C 170 4.81 13.46 -19.30
C ASP C 170 5.89 12.70 -20.05
N ILE C 171 6.95 13.32 -20.52
CA ILE C 171 7.91 12.59 -21.33
C ILE C 171 8.51 11.43 -20.55
N PRO C 172 9.19 11.71 -19.45
CA PRO C 172 9.88 10.59 -18.78
C PRO C 172 9.01 9.40 -18.35
N GLU C 173 7.75 9.65 -18.03
CA GLU C 173 6.88 8.56 -17.62
C GLU C 173 6.02 8.07 -18.76
N GLN C 174 6.05 8.74 -19.90
CA GLN C 174 5.22 8.33 -21.05
C GLN C 174 3.76 8.07 -20.60
N MET C 175 3.13 9.15 -20.15
CA MET C 175 1.73 9.13 -19.88
C MET C 175 1.09 10.48 -20.16
N ALA C 176 -0.21 10.47 -20.40
CA ALA C 176 -1.02 11.62 -20.65
C ALA C 176 -1.22 12.38 -19.37
N ARG C 177 -0.97 13.67 -19.35
CA ARG C 177 -1.28 14.42 -18.14
C ARG C 177 -2.42 15.40 -18.24
N PHE C 178 -2.49 16.13 -19.35
CA PHE C 178 -3.63 16.97 -19.61
C PHE C 178 -4.13 16.80 -21.02
N LEU C 179 -5.37 17.24 -21.23
CA LEU C 179 -5.90 17.53 -22.55
C LEU C 179 -5.94 19.05 -22.76
N GLU C 180 -5.44 19.54 -23.90
CA GLU C 180 -5.48 20.95 -24.19
C GLU C 180 -6.78 21.17 -24.93
N VAL C 181 -7.60 22.11 -24.47
CA VAL C 181 -8.94 22.26 -25.07
C VAL C 181 -9.18 23.64 -25.62
N GLU C 182 -9.65 23.71 -26.85
CA GLU C 182 -9.89 24.98 -27.42
C GLU C 182 -11.32 25.44 -27.15
N LEU C 183 -11.38 26.65 -26.61
CA LEU C 183 -12.61 27.32 -26.31
C LEU C 183 -13.09 28.12 -27.51
N LYS C 184 -14.35 28.53 -27.38
CA LYS C 184 -15.11 29.25 -28.41
C LYS C 184 -14.33 30.39 -29.03
N ASP C 185 -13.51 31.06 -28.24
CA ASP C 185 -12.73 32.23 -28.67
C ASP C 185 -11.36 31.90 -29.19
N GLY C 186 -11.00 30.63 -29.30
CA GLY C 186 -9.71 30.27 -29.91
C GLY C 186 -8.55 30.08 -28.94
N SER C 187 -8.68 30.57 -27.71
CA SER C 187 -7.69 30.26 -26.69
C SER C 187 -7.87 28.81 -26.23
N THR C 188 -6.90 28.31 -25.47
CA THR C 188 -6.93 26.96 -25.00
C THR C 188 -6.78 26.87 -23.50
N ARG C 189 -7.19 25.75 -22.93
CA ARG C 189 -7.02 25.50 -21.52
C ARG C 189 -6.58 24.06 -21.35
N LEU C 190 -5.90 23.82 -20.25
CA LEU C 190 -5.55 22.49 -19.92
C LEU C 190 -6.58 21.95 -18.91
N LEU C 191 -6.98 20.71 -19.15
CA LEU C 191 -7.85 19.95 -18.30
C LEU C 191 -7.06 18.72 -17.85
N PRO C 192 -6.97 18.50 -16.53
CA PRO C 192 -6.37 17.27 -16.03
C PRO C 192 -7.07 16.01 -16.55
N MET C 193 -6.25 15.05 -16.89
CA MET C 193 -6.68 13.87 -17.62
C MET C 193 -7.40 12.99 -16.63
N GLN C 194 -6.97 13.08 -15.37
CA GLN C 194 -7.70 12.46 -14.28
C GLN C 194 -9.10 12.97 -14.08
N MET C 195 -9.52 14.06 -14.72
CA MET C 195 -10.87 14.61 -14.50
C MET C 195 -11.72 14.64 -15.76
N VAL C 196 -11.35 13.81 -16.73
CA VAL C 196 -12.09 13.76 -17.96
C VAL C 196 -12.38 12.31 -18.21
N LYS C 197 -13.37 12.11 -19.06
CA LYS C 197 -13.83 10.81 -19.40
C LYS C 197 -13.88 10.78 -20.94
N VAL C 198 -12.92 10.05 -21.51
CA VAL C 198 -12.83 9.92 -22.95
C VAL C 198 -13.86 8.89 -23.37
N GLN C 199 -14.91 9.34 -24.03
CA GLN C 199 -15.93 8.47 -24.55
C GLN C 199 -15.74 8.35 -26.04
N SER C 200 -16.50 7.47 -26.65
CA SER C 200 -16.21 7.14 -28.02
C SER C 200 -16.37 8.34 -28.96
N ASN C 201 -17.23 9.29 -28.60
CA ASN C 201 -17.59 10.38 -29.50
C ASN C 201 -17.56 11.76 -28.80
N ARG C 202 -16.95 11.81 -27.63
CA ARG C 202 -16.82 13.04 -26.88
C ARG C 202 -15.88 12.85 -25.71
N VAL C 203 -15.41 13.98 -25.17
CA VAL C 203 -14.79 13.99 -23.84
C VAL C 203 -15.76 14.68 -22.91
N HIS C 204 -16.05 14.02 -21.78
CA HIS C 204 -16.96 14.53 -20.80
C HIS C 204 -16.30 14.94 -19.51
N VAL C 205 -16.65 16.14 -19.07
CA VAL C 205 -16.11 16.71 -17.86
C VAL C 205 -17.23 17.04 -16.87
N ASN C 206 -17.34 16.13 -15.92
CA ASN C 206 -18.36 16.25 -14.92
C ASN C 206 -18.15 17.42 -13.94
N ALA C 207 -16.91 17.66 -13.51
CA ALA C 207 -16.56 18.75 -12.61
C ALA C 207 -17.08 20.14 -13.07
N LEU C 208 -17.02 20.46 -14.36
CA LEU C 208 -17.40 21.79 -14.83
C LEU C 208 -18.56 21.83 -15.85
N SER C 209 -19.38 22.87 -15.72
CA SER C 209 -20.35 23.26 -16.74
C SER C 209 -19.65 24.11 -17.79
N SER C 210 -20.28 24.24 -18.93
CA SER C 210 -19.58 24.81 -20.06
C SER C 210 -19.18 26.24 -19.79
N ASP C 211 -20.09 27.00 -19.18
CA ASP C 211 -19.83 28.39 -18.79
C ASP C 211 -18.59 28.58 -17.84
N LEU C 212 -18.14 27.55 -17.14
CA LEU C 212 -17.00 27.71 -16.24
C LEU C 212 -15.60 27.50 -16.87
N PHE C 213 -15.60 27.10 -18.15
CA PHE C 213 -14.36 26.74 -18.81
C PHE C 213 -13.44 27.93 -19.05
N ALA C 214 -14.01 29.03 -19.51
CA ALA C 214 -13.29 30.29 -19.75
C ALA C 214 -12.47 30.69 -18.52
N GLY C 215 -13.05 30.38 -17.35
CA GLY C 215 -12.51 30.73 -16.08
C GLY C 215 -11.37 29.88 -15.63
N ILE C 216 -11.16 28.71 -16.28
CA ILE C 216 -9.96 27.89 -15.98
C ILE C 216 -8.73 28.78 -16.24
N PRO C 217 -7.84 28.83 -15.31
CA PRO C 217 -6.65 29.68 -15.32
C PRO C 217 -5.76 29.37 -16.51
N THR C 218 -5.17 30.24 -17.15
CA THR C 218 -4.39 30.02 -18.37
C THR C 218 -2.90 29.95 -18.10
N ILE C 219 -2.13 29.55 -19.11
CA ILE C 219 -0.70 29.34 -18.93
C ILE C 219 0.03 30.44 -19.68
N LYS C 220 1.06 31.02 -19.06
CA LYS C 220 1.68 32.19 -19.66
C LYS C 220 2.35 31.86 -20.97
N SER C 221 2.86 30.63 -21.13
CA SER C 221 3.50 30.19 -22.38
C SER C 221 2.77 28.98 -22.97
N PRO C 222 2.40 29.06 -24.23
CA PRO C 222 1.60 27.98 -24.82
C PRO C 222 2.22 26.60 -24.91
N THR C 223 3.55 26.45 -24.71
CA THR C 223 4.17 25.09 -24.80
C THR C 223 4.94 24.57 -23.60
N GLU C 224 4.63 25.10 -22.43
CA GLU C 224 5.05 24.53 -21.17
C GLU C 224 4.04 24.98 -20.14
N VAL C 225 3.98 24.24 -19.03
CA VAL C 225 3.29 24.63 -17.80
C VAL C 225 4.23 24.61 -16.61
N THR C 226 4.00 25.54 -15.67
CA THR C 226 4.76 25.61 -14.45
C THR C 226 4.00 24.97 -13.27
N LEU C 227 4.75 24.60 -12.25
CA LEU C 227 4.12 23.95 -11.11
C LEU C 227 3.01 24.82 -10.52
N LEU C 228 3.23 26.14 -10.46
CA LEU C 228 2.19 27.04 -9.96
C LEU C 228 0.92 26.95 -10.81
N GLU C 229 1.12 26.97 -12.11
CA GLU C 229 0.01 26.93 -13.06
C GLU C 229 -0.71 25.57 -12.99
N GLU C 230 0.05 24.50 -12.82
CA GLU C 230 -0.59 23.17 -12.64
C GLU C 230 -1.58 23.23 -11.46
N ASP C 231 -1.16 23.88 -10.38
CA ASP C 231 -1.92 23.86 -9.16
C ASP C 231 -3.21 24.65 -9.30
N LYS C 232 -3.12 25.79 -9.99
CA LYS C 232 -4.30 26.59 -10.19
C LYS C 232 -5.34 25.86 -11.07
N ILE C 233 -4.85 25.29 -12.18
CA ILE C 233 -5.72 24.52 -13.09
C ILE C 233 -6.39 23.34 -12.39
N CYS C 234 -5.58 22.53 -11.70
CA CYS C 234 -6.11 21.34 -11.04
C CYS C 234 -7.04 21.72 -9.88
N GLY C 235 -6.61 22.70 -9.05
CA GLY C 235 -7.48 23.32 -8.05
C GLY C 235 -8.85 23.69 -8.61
N TYR C 236 -8.83 24.46 -9.69
CA TYR C 236 -10.04 25.01 -10.28
C TYR C 236 -11.01 23.93 -10.74
N VAL C 237 -10.53 22.98 -11.54
CA VAL C 237 -11.38 21.94 -12.06
C VAL C 237 -11.99 21.09 -10.91
N ALA C 238 -11.17 20.65 -9.97
CA ALA C 238 -11.68 19.92 -8.76
C ALA C 238 -12.80 20.71 -8.02
N GLY C 239 -12.59 22.03 -7.85
CA GLY C 239 -13.57 22.90 -7.24
C GLY C 239 -14.98 22.78 -7.82
N GLY C 240 -15.05 22.42 -9.09
CA GLY C 240 -16.32 22.34 -9.80
C GLY C 240 -17.25 21.30 -9.19
N LEU C 241 -16.69 20.23 -8.67
CA LEU C 241 -17.53 19.18 -8.11
C LEU C 241 -18.48 19.78 -7.07
N MET C 242 -17.94 20.59 -6.15
CA MET C 242 -18.76 21.27 -5.17
C MET C 242 -19.48 22.44 -5.78
N TYR C 243 -18.72 23.39 -6.34
CA TYR C 243 -19.20 24.69 -6.69
C TYR C 243 -19.93 24.79 -8.02
N ALA C 244 -19.83 23.79 -8.87
CA ALA C 244 -20.62 23.84 -10.11
C ALA C 244 -21.91 23.02 -9.98
N ALA C 245 -22.07 22.30 -8.86
CA ALA C 245 -23.24 21.41 -8.60
C ALA C 245 -24.70 21.91 -8.94
N PRO C 246 -25.01 23.22 -8.74
CA PRO C 246 -26.32 23.71 -9.25
C PRO C 246 -26.52 23.68 -10.80
N LYS C 247 -25.47 23.35 -11.56
CA LYS C 247 -25.55 23.24 -13.04
C LYS C 247 -25.26 21.82 -13.52
N ARG C 248 -25.00 20.92 -12.57
CA ARG C 248 -24.73 19.53 -12.85
C ARG C 248 -26.05 18.75 -12.99
N LYS C 249 -26.53 18.58 -14.22
CA LYS C 249 -27.70 17.70 -14.52
C LYS C 249 -27.46 16.22 -14.12
N SER C 250 -28.54 15.45 -13.96
CA SER C 250 -28.41 14.00 -13.69
C SER C 250 -27.79 13.25 -14.91
N VAL C 251 -27.29 12.02 -14.67
CA VAL C 251 -26.47 11.26 -15.61
C VAL C 251 -25.95 9.98 -14.98
#